data_5UBR
#
_entry.id   5UBR
#
_cell.length_a   58.645
_cell.length_b   134.805
_cell.length_c   142.342
_cell.angle_alpha   90.00
_cell.angle_beta   90.00
_cell.angle_gamma   90.00
#
_symmetry.space_group_name_H-M   'P 21 21 21'
#
loop_
_entity.id
_entity.type
_entity.pdbx_description
1 polymer 'Phosphatidylinositol 4,5-bisphosphate 3-kinase catalytic subunit alpha isoform'
2 non-polymer 1-[4-(3-{4-amino-5-[1-(oxan-4-yl)-1H-pyrazol-5-yl]pyrrolo[2,1-f][1,2,4]triazin-7-yl}phenyl)piperazin-1-yl]ethan-1-one
3 water water
#
_entity_poly.entity_id   1
_entity_poly.type   'polypeptide(L)'
_entity_poly.pdbx_seq_one_letter_code
;NREEKILNREIGFAIGMPVCEFDMVKDPEVQDFRRNILNVCKEAVDLRDLNSPHSRAMYVYPPNVESSPELPKHIYNKLD
KGQIIVVIWVIVSPNNDKQKYTLKINHDCVPEQVIAEAIRKKTRSMLLSSEQLKLCVLEYQGKYILKVCGCDEYFLEKYP
LSQYKYIRSCIMLGRMPNLMLMAKESLYSQLPMDCFTMPSYSRRISTATPYMNGETSTKSLWVINSALRIKILCATYVNV
NIRDIDKIYVRTGIYHGGEPLCDNVNTQRVPCSNPRWNEWLNYDIYIPDLPRAARLCLSICSVKGRKGAKEEHCPLAWGN
INLFDYTDTLVSGKMALNLWPVPHGLEDLLNPIGVTGSNPNKETPCLELEFDWFSSVVKFPDMSVIEEHANWSVSREAGF
SYSHAGLSNRLARDNELRENDKEQLKAISTRDPLSEITEQEKDFLWSHRHYCVTIPEILPKLLLSVKWNSRDEVAQMYCL
VKDWPPIKPEQAMELLDCNYPDPMVRGFAVRCLEKYLTDDKLSQYLIQLVQVLKYEQYLDNLLVRFLLKKALTNQRIGHF
FFWHLKSEMHNKTVSQRFGLLLESYCRACGMYLKHLNRQVEAMEKLINLTDILKQEKKDETQKVQMKFLVEQMRRPDFMD
ALQGFLSPLNPAHQLGNLRLEECRIMSSAKRPLWLNWENPDIMSELLFQNNEIIFKNGDDLRQDMLTLQIIRIMENIWQN
QGLDLRMLPYGCLSIGDCVGLIEVVRNSHTIMQIQCKGGLKGALQFNSHTLHQWLKDKNKGEIYDAAIDLFTRSCAGYCV
ATFILGIGDRHNSNIMVKDDGQLFHIDFGHFLDHKKKKFGYKRERVPFVLTQDFLIVISKGAQECTKTREFERFQEMCYK
AYLAIRQHANLFINLFSMMLGSGMPELQSFDDIAYIRKTLALDKTEQEALEYFMKQMNDAHHGG
;
_entity_poly.pdbx_strand_id   A
#
loop_
_chem_comp.id
_chem_comp.type
_chem_comp.name
_chem_comp.formula
85S non-polymer 1-[4-(3-{4-amino-5-[1-(oxan-4-yl)-1H-pyrazol-5-yl]pyrrolo[2,1-f][1,2,4]triazin-7-yl}phenyl)piperazin-1-yl]ethan-1-one 'C26 H30 N8 O2'
#
# COMPACT_ATOMS: atom_id res chain seq x y z
N ASN A 1 10.54 36.61 1.36
CA ASN A 1 11.95 36.48 0.96
C ASN A 1 12.08 36.05 -0.52
N ARG A 2 13.29 36.23 -1.11
CA ARG A 2 13.56 35.84 -2.50
C ARG A 2 13.76 34.33 -2.58
N GLU A 3 14.50 33.76 -1.61
CA GLU A 3 14.75 32.32 -1.50
C GLU A 3 13.44 31.54 -1.20
N GLU A 4 12.55 32.13 -0.38
CA GLU A 4 11.26 31.53 0.00
C GLU A 4 10.28 31.46 -1.16
N LYS A 5 10.18 32.54 -1.95
CA LYS A 5 9.30 32.63 -3.11
C LYS A 5 9.75 31.63 -4.19
N ILE A 6 11.07 31.47 -4.36
CA ILE A 6 11.70 30.55 -5.31
C ILE A 6 11.42 29.10 -4.92
N LEU A 7 11.57 28.78 -3.62
CA LEU A 7 11.28 27.47 -3.06
C LEU A 7 9.76 27.20 -3.16
N ASN A 8 8.90 28.19 -2.81
CA ASN A 8 7.44 28.06 -2.94
C ASN A 8 7.01 27.75 -4.35
N ARG A 9 7.69 28.32 -5.36
CA ARG A 9 7.40 28.03 -6.77
C ARG A 9 7.71 26.55 -7.11
N GLU A 10 8.85 26.04 -6.62
CA GLU A 10 9.32 24.66 -6.76
C GLU A 10 8.33 23.65 -6.15
N ILE A 11 7.82 23.96 -4.94
CA ILE A 11 6.85 23.12 -4.22
C ILE A 11 5.53 23.10 -5.02
N GLY A 12 5.13 24.28 -5.54
CA GLY A 12 3.92 24.41 -6.34
C GLY A 12 3.96 23.53 -7.58
N PHE A 13 5.11 23.55 -8.26
CA PHE A 13 5.36 22.73 -9.42
C PHE A 13 5.29 21.24 -9.05
N ALA A 14 5.94 20.84 -7.95
CA ALA A 14 5.90 19.46 -7.46
C ALA A 14 4.50 18.93 -7.15
N ILE A 15 3.70 19.63 -6.28
CA ILE A 15 2.35 19.20 -5.89
C ILE A 15 1.33 19.35 -7.01
N GLY A 16 1.55 20.31 -7.89
CA GLY A 16 0.64 20.62 -8.98
C GLY A 16 -0.40 21.63 -8.56
N MET A 17 -0.13 22.39 -7.49
CA MET A 17 -1.00 23.45 -6.96
C MET A 17 -0.20 24.51 -6.24
N PRO A 18 -0.52 25.83 -6.41
CA PRO A 18 0.32 26.86 -5.75
C PRO A 18 0.11 26.90 -4.24
N VAL A 19 1.22 27.02 -3.52
CA VAL A 19 1.34 27.08 -2.07
C VAL A 19 0.44 28.18 -1.50
N CYS A 20 0.26 29.29 -2.25
CA CYS A 20 -0.60 30.42 -1.88
C CYS A 20 -2.07 30.01 -1.66
N GLU A 21 -2.50 28.92 -2.28
CA GLU A 21 -3.86 28.40 -2.08
C GLU A 21 -4.03 27.86 -0.66
N PHE A 22 -2.93 27.34 -0.05
CA PHE A 22 -2.95 26.85 1.33
C PHE A 22 -3.01 28.00 2.30
N ASP A 23 -2.31 29.11 1.96
CA ASP A 23 -2.29 30.34 2.76
C ASP A 23 -3.69 30.93 2.91
N MET A 24 -4.51 30.80 1.86
CA MET A 24 -5.88 31.30 1.76
C MET A 24 -6.89 30.51 2.58
N VAL A 25 -6.57 29.26 2.97
CA VAL A 25 -7.51 28.44 3.73
C VAL A 25 -7.69 28.95 5.16
N LYS A 26 -8.92 29.40 5.47
CA LYS A 26 -9.34 29.86 6.79
C LYS A 26 -10.06 28.67 7.37
N ASP A 27 -9.29 27.88 8.12
CA ASP A 27 -9.65 26.66 8.82
C ASP A 27 -8.44 26.47 9.71
N PRO A 28 -8.63 26.67 11.03
CA PRO A 28 -7.51 26.61 11.96
C PRO A 28 -6.83 25.26 11.99
N GLU A 29 -7.55 24.18 11.57
CA GLU A 29 -6.95 22.84 11.53
C GLU A 29 -5.86 22.79 10.43
N VAL A 30 -6.17 23.37 9.25
CA VAL A 30 -5.26 23.46 8.12
C VAL A 30 -3.99 24.26 8.53
N GLN A 31 -4.17 25.48 9.06
CA GLN A 31 -3.06 26.34 9.48
C GLN A 31 -2.25 25.78 10.62
N ASP A 32 -2.90 25.07 11.55
CA ASP A 32 -2.21 24.40 12.64
C ASP A 32 -1.44 23.23 12.12
N PHE A 33 -1.99 22.43 11.14
CA PHE A 33 -1.26 21.30 10.54
C PHE A 33 0.03 21.85 9.93
N ARG A 34 -0.05 22.93 9.14
CA ARG A 34 1.11 23.54 8.49
C ARG A 34 2.22 23.90 9.46
N ARG A 35 1.89 24.66 10.54
CA ARG A 35 2.83 25.03 11.60
C ARG A 35 3.34 23.80 12.31
N ASN A 36 2.45 23.05 12.96
CA ASN A 36 2.79 21.95 13.85
C ASN A 36 3.54 20.80 13.22
N ILE A 37 3.34 20.55 11.93
CA ILE A 37 4.00 19.41 11.29
C ILE A 37 5.51 19.65 11.15
N LEU A 38 5.93 20.93 11.16
CA LEU A 38 7.31 21.38 10.94
C LEU A 38 8.31 20.82 11.92
N ASN A 39 7.89 20.31 13.11
CA ASN A 39 8.82 19.69 14.07
C ASN A 39 9.28 18.31 13.59
N VAL A 40 8.44 17.62 12.78
CA VAL A 40 8.78 16.34 12.16
C VAL A 40 9.89 16.61 11.10
N CYS A 41 9.78 17.74 10.40
CA CYS A 41 10.74 18.20 9.40
C CYS A 41 12.08 18.52 10.08
N LYS A 42 12.04 19.23 11.23
CA LYS A 42 13.21 19.56 12.05
C LYS A 42 13.86 18.28 12.57
N GLU A 43 13.08 17.35 13.15
CA GLU A 43 13.60 16.10 13.68
C GLU A 43 14.35 15.29 12.64
N ALA A 44 13.75 15.13 11.43
CA ALA A 44 14.31 14.40 10.29
C ALA A 44 15.60 15.00 9.76
N VAL A 45 15.69 16.35 9.71
CA VAL A 45 16.87 17.08 9.28
C VAL A 45 18.02 16.84 10.29
N ASP A 46 17.73 17.01 11.63
CA ASP A 46 18.70 16.77 12.71
C ASP A 46 19.33 15.36 12.61
N LEU A 47 18.49 14.31 12.32
CA LEU A 47 18.93 12.91 12.16
C LEU A 47 19.81 12.75 10.95
N ARG A 48 19.59 13.57 9.92
CA ARG A 48 20.34 13.55 8.67
C ARG A 48 21.64 14.35 8.76
N ASP A 49 21.77 15.24 9.76
CA ASP A 49 23.00 16.02 9.90
C ASP A 49 23.83 15.57 11.13
N LEU A 50 23.45 14.43 11.72
CA LEU A 50 24.07 13.81 12.88
C LEU A 50 25.51 13.37 12.63
N ASN A 51 25.71 12.47 11.64
CA ASN A 51 27.05 11.98 11.30
C ASN A 51 27.38 12.33 9.84
N SER A 52 27.42 13.65 9.54
CA SER A 52 27.70 14.19 8.22
C SER A 52 29.14 13.89 7.80
N PRO A 53 29.40 13.50 6.52
CA PRO A 53 28.45 13.37 5.40
C PRO A 53 27.81 11.99 5.29
N HIS A 54 28.33 10.97 6.00
CA HIS A 54 27.84 9.60 5.96
C HIS A 54 26.32 9.46 6.22
N SER A 55 25.78 10.15 7.23
CA SER A 55 24.36 10.06 7.55
C SER A 55 23.49 10.80 6.51
N ARG A 56 24.09 11.74 5.74
CA ARG A 56 23.39 12.43 4.66
C ARG A 56 23.34 11.44 3.49
N ALA A 57 24.45 10.69 3.30
CA ALA A 57 24.61 9.71 2.25
C ALA A 57 23.69 8.51 2.47
N MET A 58 23.44 8.16 3.74
CA MET A 58 22.59 7.05 4.16
C MET A 58 21.10 7.41 3.90
N TYR A 59 20.77 8.70 3.99
CA TYR A 59 19.45 9.21 3.71
C TYR A 59 19.19 9.08 2.19
N VAL A 60 20.13 9.60 1.33
CA VAL A 60 20.06 9.61 -0.14
C VAL A 60 20.17 8.20 -0.73
N TYR A 61 21.08 7.36 -0.20
CA TYR A 61 21.27 6.00 -0.69
C TYR A 61 21.14 4.99 0.43
N PRO A 62 19.91 4.74 0.95
CA PRO A 62 19.77 3.76 2.04
C PRO A 62 20.12 2.34 1.62
N PRO A 63 20.66 1.50 2.52
CA PRO A 63 20.98 0.13 2.13
C PRO A 63 19.72 -0.62 1.70
N ASN A 64 19.70 -1.13 0.47
CA ASN A 64 18.56 -1.93 -0.02
C ASN A 64 18.83 -3.35 0.49
N VAL A 65 18.45 -3.55 1.75
CA VAL A 65 18.68 -4.79 2.51
C VAL A 65 17.39 -5.53 2.90
N GLU A 66 17.48 -6.87 2.95
CA GLU A 66 16.41 -7.79 3.37
C GLU A 66 16.11 -7.56 4.87
N SER A 67 14.92 -7.96 5.33
CA SER A 67 14.56 -7.77 6.75
C SER A 67 15.38 -8.65 7.73
N SER A 68 15.94 -9.79 7.25
CA SER A 68 16.74 -10.69 8.09
C SER A 68 18.11 -11.11 7.51
N PRO A 69 19.21 -11.09 8.34
CA PRO A 69 20.52 -11.56 7.86
C PRO A 69 20.54 -13.08 7.58
N GLU A 70 19.71 -13.85 8.31
CA GLU A 70 19.53 -15.31 8.20
C GLU A 70 19.06 -15.73 6.80
N LEU A 71 19.89 -16.46 6.08
CA LEU A 71 19.56 -16.90 4.73
C LEU A 71 18.82 -18.23 4.71
N PRO A 72 17.72 -18.37 3.92
CA PRO A 72 17.00 -19.65 3.85
C PRO A 72 17.86 -20.80 3.29
N LYS A 73 17.59 -22.03 3.78
CA LYS A 73 18.29 -23.28 3.49
C LYS A 73 18.53 -23.56 2.00
N HIS A 74 17.48 -23.51 1.15
CA HIS A 74 17.60 -23.78 -0.29
C HIS A 74 18.46 -22.73 -1.04
N ILE A 75 18.54 -21.49 -0.49
CA ILE A 75 19.34 -20.38 -1.04
C ILE A 75 20.84 -20.65 -0.75
N TYR A 76 21.19 -20.99 0.51
CA TYR A 76 22.56 -21.37 0.93
C TYR A 76 23.11 -22.50 0.03
N ASN A 77 22.24 -23.50 -0.30
CA ASN A 77 22.55 -24.66 -1.16
C ASN A 77 23.04 -24.28 -2.59
N LYS A 78 22.85 -23.00 -3.00
CA LYS A 78 23.29 -22.49 -4.30
C LYS A 78 24.75 -21.98 -4.22
N LEU A 79 25.25 -21.71 -2.98
CA LEU A 79 26.62 -21.25 -2.68
C LEU A 79 27.64 -22.39 -2.63
N ASP A 80 28.90 -22.09 -3.03
CA ASP A 80 30.02 -23.02 -3.01
C ASP A 80 30.52 -23.16 -1.55
N LYS A 81 29.81 -24.01 -0.77
CA LYS A 81 30.06 -24.27 0.66
C LYS A 81 29.97 -22.96 1.50
N GLY A 82 28.85 -22.26 1.31
CA GLY A 82 28.54 -20.99 1.97
C GLY A 82 29.42 -19.85 1.52
N GLN A 83 29.92 -19.93 0.27
CA GLN A 83 30.81 -18.94 -0.32
C GLN A 83 30.28 -18.48 -1.65
N ILE A 84 30.51 -17.20 -1.95
CA ILE A 84 30.04 -16.58 -3.18
C ILE A 84 31.17 -16.01 -4.02
N ILE A 85 31.07 -16.18 -5.35
CA ILE A 85 31.96 -15.56 -6.33
C ILE A 85 31.33 -14.18 -6.66
N VAL A 86 32.09 -13.10 -6.41
CA VAL A 86 31.68 -11.70 -6.66
C VAL A 86 32.79 -11.03 -7.51
N VAL A 87 32.41 -10.16 -8.48
CA VAL A 87 33.37 -9.42 -9.33
C VAL A 87 33.43 -7.96 -8.87
N ILE A 88 34.63 -7.45 -8.59
CA ILE A 88 34.87 -6.07 -8.15
C ILE A 88 35.66 -5.34 -9.18
N TRP A 89 35.13 -4.19 -9.59
CA TRP A 89 35.63 -3.32 -10.64
C TRP A 89 36.25 -2.08 -10.11
N VAL A 90 37.40 -1.72 -10.70
CA VAL A 90 38.17 -0.55 -10.33
C VAL A 90 38.45 0.23 -11.62
N ILE A 91 38.09 1.52 -11.64
CA ILE A 91 38.39 2.38 -12.78
C ILE A 91 39.74 3.04 -12.47
N VAL A 92 40.71 2.77 -13.34
CA VAL A 92 42.08 3.25 -13.21
C VAL A 92 42.39 4.16 -14.39
N SER A 93 43.17 5.23 -14.12
CA SER A 93 43.57 6.31 -15.04
C SER A 93 42.33 7.06 -15.60
N PRO A 94 42.43 8.36 -15.94
CA PRO A 94 41.24 9.08 -16.46
C PRO A 94 40.68 8.53 -17.79
N ASN A 95 41.41 7.58 -18.43
CA ASN A 95 41.05 6.89 -19.68
C ASN A 95 39.77 6.03 -19.52
N ASN A 96 39.27 5.91 -18.26
CA ASN A 96 38.09 5.13 -17.84
C ASN A 96 38.31 3.62 -18.09
N ASP A 97 39.58 3.16 -18.02
CA ASP A 97 39.98 1.77 -18.18
C ASP A 97 39.46 0.94 -17.01
N LYS A 98 38.63 -0.04 -17.35
CA LYS A 98 37.96 -0.91 -16.40
C LYS A 98 38.80 -2.18 -16.15
N GLN A 99 39.11 -2.44 -14.85
CA GLN A 99 39.86 -3.58 -14.33
C GLN A 99 39.00 -4.39 -13.37
N LYS A 100 38.84 -5.70 -13.61
CA LYS A 100 38.03 -6.61 -12.79
C LYS A 100 38.90 -7.52 -11.88
N TYR A 101 38.37 -7.81 -10.67
CA TYR A 101 39.03 -8.64 -9.67
C TYR A 101 38.01 -9.60 -9.08
N THR A 102 38.03 -10.86 -9.54
CA THR A 102 37.09 -11.90 -9.10
C THR A 102 37.46 -12.45 -7.71
N LEU A 103 36.55 -12.30 -6.74
CA LEU A 103 36.76 -12.79 -5.38
C LEU A 103 35.83 -13.94 -5.03
N LYS A 104 36.35 -14.93 -4.26
CA LYS A 104 35.63 -16.05 -3.68
C LYS A 104 35.69 -15.72 -2.21
N ILE A 105 34.55 -15.38 -1.63
CA ILE A 105 34.45 -14.90 -0.27
C ILE A 105 33.24 -15.49 0.44
N ASN A 106 33.17 -15.36 1.79
CA ASN A 106 32.03 -15.85 2.57
C ASN A 106 30.81 -15.01 2.23
N HIS A 107 29.61 -15.63 2.15
CA HIS A 107 28.38 -14.91 1.83
C HIS A 107 28.07 -13.78 2.81
N ASP A 108 28.47 -13.93 4.08
CA ASP A 108 28.21 -12.96 5.15
C ASP A 108 29.36 -11.96 5.38
N CYS A 109 30.24 -11.80 4.39
CA CYS A 109 31.33 -10.83 4.48
C CYS A 109 30.78 -9.40 4.44
N VAL A 110 31.28 -8.54 5.31
CA VAL A 110 30.87 -7.14 5.40
C VAL A 110 31.56 -6.30 4.28
N PRO A 111 30.88 -5.28 3.67
CA PRO A 111 31.51 -4.49 2.61
C PRO A 111 32.97 -4.10 2.84
N GLU A 112 33.36 -3.79 4.09
CA GLU A 112 34.74 -3.39 4.45
C GLU A 112 35.77 -4.51 4.21
N GLN A 113 35.39 -5.77 4.47
CA GLN A 113 36.21 -6.95 4.26
C GLN A 113 36.34 -7.17 2.75
N VAL A 114 35.18 -7.14 2.03
CA VAL A 114 35.05 -7.29 0.58
C VAL A 114 35.98 -6.30 -0.15
N ILE A 115 36.07 -5.03 0.33
CA ILE A 115 36.96 -3.98 -0.17
C ILE A 115 38.44 -4.39 0.05
N ALA A 116 38.81 -4.80 1.30
CA ALA A 116 40.17 -5.23 1.66
C ALA A 116 40.66 -6.39 0.76
N GLU A 117 39.77 -7.38 0.50
CA GLU A 117 40.06 -8.51 -0.37
C GLU A 117 40.28 -8.07 -1.82
N ALA A 118 39.51 -7.05 -2.31
CA ALA A 118 39.68 -6.49 -3.66
C ALA A 118 40.99 -5.72 -3.84
N ILE A 119 41.46 -5.07 -2.76
CA ILE A 119 42.71 -4.32 -2.77
C ILE A 119 43.89 -5.30 -2.60
N ARG A 120 43.70 -6.44 -1.86
CA ARG A 120 44.73 -7.50 -1.76
C ARG A 120 45.00 -8.04 -3.18
N LYS A 121 43.95 -8.52 -3.88
CA LYS A 121 44.00 -9.02 -5.26
C LYS A 121 44.57 -7.99 -6.26
N LYS A 122 44.35 -6.69 -6.02
CA LYS A 122 44.87 -5.61 -6.86
C LYS A 122 46.38 -5.38 -6.57
N THR A 123 46.77 -5.50 -5.29
CA THR A 123 48.15 -5.37 -4.81
C THR A 123 49.00 -6.59 -5.25
N ARG A 124 48.44 -7.81 -5.16
CA ARG A 124 49.10 -9.08 -5.54
C ARG A 124 49.43 -9.14 -7.04
N SER A 125 48.89 -8.20 -7.84
CA SER A 125 49.12 -8.03 -9.29
C SER A 125 50.41 -7.22 -9.59
N MET A 126 51.29 -7.09 -8.58
CA MET A 126 52.56 -6.37 -8.62
C MET A 126 53.69 -7.32 -8.21
N GLY A 142 38.87 1.46 3.42
CA GLY A 142 38.30 2.42 4.36
C GLY A 142 38.03 3.80 3.78
N LYS A 143 38.71 4.12 2.65
CA LYS A 143 38.59 5.38 1.90
C LYS A 143 37.70 5.13 0.65
N TYR A 144 37.07 3.92 0.60
CA TYR A 144 36.20 3.44 -0.46
C TYR A 144 34.83 2.96 0.04
N ILE A 145 33.92 2.78 -0.91
CA ILE A 145 32.56 2.24 -0.76
C ILE A 145 32.25 1.38 -1.99
N LEU A 146 31.34 0.39 -1.87
CA LEU A 146 30.89 -0.45 -2.96
C LEU A 146 29.59 0.06 -3.58
N LYS A 147 29.55 0.05 -4.92
CA LYS A 147 28.41 0.51 -5.72
C LYS A 147 27.99 -0.64 -6.63
N VAL A 148 26.66 -0.82 -6.86
CA VAL A 148 26.20 -1.84 -7.82
C VAL A 148 26.53 -1.28 -9.24
N CYS A 149 27.18 -2.10 -10.11
CA CYS A 149 27.50 -1.73 -11.48
C CYS A 149 26.19 -1.48 -12.25
N GLY A 150 26.16 -0.40 -13.03
CA GLY A 150 25.01 -0.04 -13.85
C GLY A 150 23.90 0.79 -13.23
N CYS A 151 23.87 0.99 -11.89
CA CYS A 151 22.83 1.78 -11.23
C CYS A 151 23.31 2.48 -9.95
N ASP A 152 22.51 3.44 -9.43
CA ASP A 152 22.89 4.18 -8.24
C ASP A 152 22.47 3.52 -6.95
N GLU A 153 23.05 2.34 -6.69
CA GLU A 153 22.82 1.64 -5.44
C GLU A 153 24.17 1.45 -4.75
N TYR A 154 24.24 1.80 -3.46
CA TYR A 154 25.47 1.75 -2.67
C TYR A 154 25.28 0.85 -1.46
N PHE A 155 26.40 0.29 -0.98
CA PHE A 155 26.46 -0.61 0.17
C PHE A 155 27.17 0.18 1.29
N LEU A 156 26.51 1.25 1.75
CA LEU A 156 27.05 2.18 2.74
C LEU A 156 27.07 1.68 4.20
N GLU A 157 26.46 0.50 4.49
CA GLU A 157 26.43 0.03 5.89
C GLU A 157 26.93 -1.42 6.04
N LYS A 158 27.41 -1.72 7.26
CA LYS A 158 28.03 -2.95 7.77
C LYS A 158 27.09 -4.17 7.82
N TYR A 159 26.28 -4.41 6.77
CA TYR A 159 25.39 -5.58 6.72
C TYR A 159 26.15 -6.75 6.07
N PRO A 160 25.86 -8.04 6.41
CA PRO A 160 26.51 -9.14 5.67
C PRO A 160 26.14 -8.99 4.19
N LEU A 161 27.08 -9.24 3.27
CA LEU A 161 26.85 -9.05 1.84
C LEU A 161 25.58 -9.71 1.32
N SER A 162 25.26 -10.93 1.80
CA SER A 162 24.07 -11.67 1.39
C SER A 162 22.75 -11.00 1.87
N GLN A 163 22.83 -10.06 2.85
CA GLN A 163 21.65 -9.33 3.32
C GLN A 163 21.19 -8.24 2.33
N TYR A 164 22.08 -7.78 1.42
CA TYR A 164 21.70 -6.82 0.37
C TYR A 164 20.85 -7.57 -0.63
N LYS A 165 19.65 -6.99 -0.96
CA LYS A 165 18.69 -7.58 -1.91
C LYS A 165 19.34 -7.92 -3.25
N TYR A 166 20.21 -7.02 -3.76
CA TYR A 166 20.93 -7.25 -5.01
C TYR A 166 21.76 -8.56 -5.00
N ILE A 167 22.49 -8.82 -3.90
CA ILE A 167 23.34 -10.02 -3.74
C ILE A 167 22.46 -11.25 -3.54
N ARG A 168 21.48 -11.14 -2.62
CA ARG A 168 20.51 -12.20 -2.32
C ARG A 168 19.80 -12.64 -3.61
N SER A 169 19.53 -11.68 -4.52
CA SER A 169 18.92 -11.89 -5.83
C SER A 169 19.89 -12.64 -6.76
N CYS A 170 21.17 -12.17 -6.83
CA CYS A 170 22.23 -12.79 -7.63
C CYS A 170 22.46 -14.25 -7.21
N ILE A 171 22.44 -14.54 -5.90
CA ILE A 171 22.57 -15.90 -5.34
C ILE A 171 21.40 -16.77 -5.85
N MET A 172 20.15 -16.34 -5.59
CA MET A 172 18.90 -17.02 -5.97
C MET A 172 18.68 -17.16 -7.49
N LEU A 173 19.43 -16.41 -8.31
CA LEU A 173 19.24 -16.46 -9.78
C LEU A 173 20.44 -17.07 -10.51
N GLY A 174 21.46 -17.48 -9.77
CA GLY A 174 22.67 -18.04 -10.35
C GLY A 174 23.31 -17.04 -11.31
N ARG A 175 23.39 -15.78 -10.83
CA ARG A 175 23.96 -14.61 -11.49
C ARG A 175 25.20 -14.16 -10.73
N MET A 176 26.14 -13.58 -11.46
CA MET A 176 27.40 -13.12 -10.92
C MET A 176 27.27 -11.64 -10.49
N PRO A 177 27.47 -11.32 -9.20
CA PRO A 177 27.41 -9.91 -8.77
C PRO A 177 28.59 -9.10 -9.29
N ASN A 178 28.31 -7.88 -9.78
CA ASN A 178 29.27 -6.92 -10.29
C ASN A 178 29.15 -5.65 -9.46
N LEU A 179 30.18 -5.42 -8.65
CA LEU A 179 30.28 -4.25 -7.78
C LEU A 179 31.42 -3.39 -8.24
N MET A 180 31.35 -2.10 -7.94
CA MET A 180 32.35 -1.13 -8.33
C MET A 180 32.90 -0.42 -7.10
N LEU A 181 34.22 -0.45 -6.97
CA LEU A 181 34.95 0.22 -5.90
C LEU A 181 34.97 1.67 -6.29
N MET A 182 34.61 2.52 -5.35
CA MET A 182 34.51 3.96 -5.55
C MET A 182 35.00 4.66 -4.30
N ALA A 183 35.76 5.75 -4.47
CA ALA A 183 36.28 6.56 -3.35
C ALA A 183 35.13 7.26 -2.65
N LYS A 184 35.05 7.11 -1.31
CA LYS A 184 34.01 7.75 -0.48
C LYS A 184 33.78 9.21 -0.87
N GLU A 185 34.89 9.98 -1.04
CA GLU A 185 34.85 11.39 -1.39
C GLU A 185 34.30 11.69 -2.78
N SER A 186 34.27 10.70 -3.69
CA SER A 186 33.66 10.87 -5.03
C SER A 186 32.12 10.92 -4.86
N LEU A 187 31.59 10.12 -3.92
CA LEU A 187 30.16 10.13 -3.63
C LEU A 187 29.78 11.32 -2.77
N TYR A 188 30.52 11.54 -1.65
CA TYR A 188 30.25 12.62 -0.68
C TYR A 188 30.18 14.01 -1.30
N SER A 189 31.07 14.28 -2.27
CA SER A 189 31.14 15.54 -3.00
C SER A 189 29.91 15.77 -3.91
N GLN A 190 29.23 14.67 -4.32
CA GLN A 190 28.04 14.69 -5.16
C GLN A 190 26.72 14.84 -4.32
N LEU A 191 26.84 14.97 -2.97
CA LEU A 191 25.71 15.13 -2.05
C LEU A 191 25.63 16.57 -1.53
N PRO A 192 24.83 17.48 -2.16
CA PRO A 192 24.74 18.85 -1.64
C PRO A 192 24.20 18.91 -0.22
N MET A 193 24.78 19.83 0.59
CA MET A 193 24.35 20.05 1.97
C MET A 193 23.07 20.89 1.85
N ASP A 194 21.96 20.31 2.29
CA ASP A 194 20.67 20.99 2.16
C ASP A 194 20.23 21.56 3.51
N CYS A 195 20.53 22.86 3.73
CA CYS A 195 20.15 23.54 4.96
C CYS A 195 18.70 24.09 4.86
N PHE A 196 17.80 23.31 5.48
CA PHE A 196 16.36 23.51 5.57
C PHE A 196 16.06 24.80 6.30
N THR A 197 15.08 25.56 5.79
CA THR A 197 14.67 26.82 6.40
C THR A 197 13.23 26.69 6.85
N MET A 198 12.93 27.20 8.04
CA MET A 198 11.59 27.20 8.58
C MET A 198 10.75 28.24 7.81
N PRO A 199 9.60 27.83 7.20
CA PRO A 199 8.78 28.80 6.43
C PRO A 199 8.20 29.94 7.27
N SER A 200 7.80 31.05 6.63
CA SER A 200 7.24 32.24 7.30
C SER A 200 5.98 31.97 8.14
N TYR A 201 5.19 30.95 7.75
CA TYR A 201 3.94 30.58 8.46
C TYR A 201 4.20 29.83 9.79
N SER A 202 5.46 29.46 10.07
CA SER A 202 5.85 28.80 11.31
C SER A 202 5.77 29.74 12.51
N ARG A 203 5.89 31.07 12.26
CA ARG A 203 5.81 32.15 13.26
C ARG A 203 4.39 32.71 13.35
N LYS A 219 -14.16 25.74 29.36
CA LYS A 219 -14.05 24.28 29.33
C LYS A 219 -15.13 23.56 30.17
N SER A 220 -15.47 22.30 29.77
CA SER A 220 -16.40 21.34 30.40
C SER A 220 -15.87 19.88 30.15
N LEU A 221 -16.64 18.80 30.49
CA LEU A 221 -16.19 17.39 30.31
C LEU A 221 -17.38 16.41 30.21
N TRP A 222 -17.25 15.21 30.88
CA TRP A 222 -18.22 14.10 31.05
C TRP A 222 -19.39 14.49 31.97
N VAL A 223 -19.42 15.73 32.46
CA VAL A 223 -20.44 16.26 33.38
C VAL A 223 -21.61 16.92 32.65
N ILE A 224 -21.92 16.47 31.41
CA ILE A 224 -23.04 16.97 30.62
C ILE A 224 -24.19 15.96 30.68
N ASN A 225 -25.00 16.03 31.76
CA ASN A 225 -26.17 15.19 32.01
C ASN A 225 -27.24 15.52 30.97
N SER A 226 -27.14 14.92 29.76
CA SER A 226 -28.07 15.17 28.66
C SER A 226 -28.08 14.09 27.58
N ALA A 227 -29.20 14.01 26.84
CA ALA A 227 -29.37 13.11 25.70
C ALA A 227 -28.94 13.91 24.46
N LEU A 228 -28.48 13.21 23.40
CA LEU A 228 -28.00 13.89 22.21
C LEU A 228 -29.13 14.37 21.31
N ARG A 229 -29.07 15.65 20.98
CA ARG A 229 -29.99 16.29 20.06
C ARG A 229 -29.22 17.16 19.07
N ILE A 230 -29.50 16.98 17.78
CA ILE A 230 -28.89 17.76 16.70
C ILE A 230 -30.05 18.32 15.88
N LYS A 231 -30.05 19.66 15.67
CA LYS A 231 -31.05 20.37 14.87
C LYS A 231 -30.63 20.40 13.41
N ILE A 232 -31.51 19.97 12.50
CA ILE A 232 -31.31 20.05 11.06
C ILE A 232 -32.15 21.26 10.62
N LEU A 233 -31.48 22.35 10.24
CA LEU A 233 -32.12 23.61 9.83
C LEU A 233 -32.73 23.52 8.42
N CYS A 234 -31.91 23.63 7.36
CA CYS A 234 -32.38 23.66 5.96
C CYS A 234 -31.26 23.30 4.99
N ALA A 235 -31.62 23.09 3.73
CA ALA A 235 -30.67 22.76 2.68
C ALA A 235 -30.76 23.74 1.49
N THR A 236 -29.60 24.11 0.92
CA THR A 236 -29.51 24.97 -0.27
C THR A 236 -28.90 24.15 -1.40
N TYR A 237 -28.93 24.67 -2.65
CA TYR A 237 -28.44 24.01 -3.87
C TYR A 237 -29.08 22.62 -4.10
N VAL A 238 -30.29 22.44 -3.54
CA VAL A 238 -31.07 21.23 -3.70
C VAL A 238 -31.86 21.47 -5.00
N ASN A 239 -31.26 21.09 -6.13
CA ASN A 239 -31.84 21.25 -7.46
C ASN A 239 -32.15 19.86 -8.04
N VAL A 240 -33.40 19.42 -7.88
CA VAL A 240 -33.88 18.11 -8.33
C VAL A 240 -34.94 18.25 -9.41
N LYS A 247 -41.50 15.11 -2.33
CA LYS A 247 -41.10 15.27 -0.94
C LYS A 247 -39.70 14.69 -0.65
N ILE A 248 -38.95 15.31 0.31
CA ILE A 248 -37.60 14.90 0.75
C ILE A 248 -37.39 15.05 2.27
N TYR A 249 -36.54 14.18 2.84
CA TYR A 249 -36.19 14.19 4.26
C TYR A 249 -34.67 14.02 4.42
N VAL A 250 -34.16 14.31 5.63
CA VAL A 250 -32.76 14.14 6.03
C VAL A 250 -32.67 12.95 7.00
N ARG A 251 -31.91 11.92 6.62
CA ARG A 251 -31.64 10.73 7.44
C ARG A 251 -30.35 11.02 8.22
N THR A 252 -30.34 10.70 9.54
CA THR A 252 -29.16 10.89 10.39
C THR A 252 -28.83 9.60 11.18
N GLY A 253 -27.57 9.50 11.60
CA GLY A 253 -27.05 8.39 12.38
C GLY A 253 -25.80 8.81 13.13
N ILE A 254 -25.62 8.20 14.32
CA ILE A 254 -24.43 8.44 15.14
C ILE A 254 -23.60 7.16 14.98
N TYR A 255 -22.37 7.32 14.43
CA TYR A 255 -21.48 6.22 14.09
C TYR A 255 -20.12 6.27 14.74
N HIS A 256 -19.56 5.08 14.98
CA HIS A 256 -18.21 4.86 15.47
C HIS A 256 -17.65 3.95 14.38
N GLY A 257 -16.94 4.57 13.43
CA GLY A 257 -16.49 3.91 12.23
C GLY A 257 -17.72 3.62 11.40
N GLY A 258 -17.87 2.36 10.99
CA GLY A 258 -19.05 1.95 10.21
C GLY A 258 -20.18 1.38 11.06
N GLU A 259 -20.09 1.55 12.40
CA GLU A 259 -21.05 0.97 13.33
C GLU A 259 -21.94 2.00 14.07
N PRO A 260 -23.29 1.75 14.04
CA PRO A 260 -24.22 2.66 14.73
C PRO A 260 -24.10 2.61 16.24
N LEU A 261 -24.13 3.79 16.89
CA LEU A 261 -24.04 3.91 18.34
C LEU A 261 -25.43 4.01 19.00
N CYS A 262 -26.46 4.20 18.19
CA CYS A 262 -27.88 4.28 18.51
C CYS A 262 -28.66 4.13 17.19
N ASP A 263 -29.99 4.19 17.26
CA ASP A 263 -30.85 4.10 16.08
C ASP A 263 -30.76 5.36 15.23
N ASN A 264 -30.92 5.19 13.91
CA ASN A 264 -30.92 6.26 12.91
C ASN A 264 -32.18 7.08 13.07
N VAL A 265 -32.05 8.41 12.94
CA VAL A 265 -33.17 9.35 13.11
C VAL A 265 -33.40 10.19 11.84
N ASN A 266 -34.63 10.10 11.27
CA ASN A 266 -35.10 10.80 10.06
C ASN A 266 -35.87 12.07 10.42
N THR A 267 -35.79 13.09 9.54
CA THR A 267 -36.56 14.33 9.69
C THR A 267 -37.95 14.11 9.02
N GLN A 268 -38.80 15.16 8.97
CA GLN A 268 -40.11 15.06 8.31
C GLN A 268 -39.98 15.13 6.78
N ARG A 269 -41.01 14.67 6.04
CA ARG A 269 -41.03 14.61 4.56
C ARG A 269 -41.51 15.93 3.87
N VAL A 270 -40.78 17.03 4.11
CA VAL A 270 -41.01 18.38 3.57
C VAL A 270 -40.79 18.37 2.02
N PRO A 271 -41.52 19.18 1.18
CA PRO A 271 -41.27 19.11 -0.28
C PRO A 271 -39.97 19.76 -0.72
N CYS A 272 -39.30 19.16 -1.73
CA CYS A 272 -38.00 19.56 -2.28
C CYS A 272 -37.90 21.03 -2.75
N SER A 273 -39.03 21.66 -3.13
CA SER A 273 -39.04 23.08 -3.55
C SER A 273 -38.81 24.02 -2.35
N ASN A 274 -39.10 23.52 -1.13
CA ASN A 274 -38.90 24.23 0.14
C ASN A 274 -38.15 23.28 1.12
N PRO A 275 -36.81 23.07 0.98
CA PRO A 275 -36.12 22.15 1.91
C PRO A 275 -35.74 22.86 3.21
N ARG A 276 -36.73 23.00 4.09
CA ARG A 276 -36.59 23.60 5.41
C ARG A 276 -37.13 22.60 6.45
N TRP A 277 -36.55 22.61 7.67
CA TRP A 277 -36.94 21.70 8.74
C TRP A 277 -37.00 22.39 10.11
N ASN A 278 -35.91 23.11 10.52
CA ASN A 278 -35.73 23.76 11.84
C ASN A 278 -36.08 22.81 13.03
N GLU A 279 -36.12 21.50 12.73
CA GLU A 279 -36.47 20.37 13.57
C GLU A 279 -35.26 19.78 14.31
N TRP A 280 -35.36 19.68 15.65
CA TRP A 280 -34.37 19.04 16.50
C TRP A 280 -34.60 17.52 16.43
N LEU A 281 -33.52 16.74 16.35
CA LEU A 281 -33.59 15.28 16.31
C LEU A 281 -33.02 14.71 17.61
N ASN A 282 -33.72 13.75 18.21
CA ASN A 282 -33.26 13.15 19.47
C ASN A 282 -32.67 11.81 19.20
N TYR A 283 -31.54 11.53 19.86
CA TYR A 283 -30.81 10.27 19.69
C TYR A 283 -30.82 9.46 20.97
N ASP A 284 -30.82 8.13 20.80
CA ASP A 284 -30.80 7.20 21.92
C ASP A 284 -29.37 7.05 22.50
N ILE A 285 -28.78 8.19 22.91
CA ILE A 285 -27.43 8.21 23.48
C ILE A 285 -27.24 9.45 24.42
N TYR A 286 -26.63 9.17 25.57
CA TYR A 286 -26.27 10.09 26.64
C TYR A 286 -24.96 10.76 26.19
N ILE A 287 -24.88 12.14 26.18
CA ILE A 287 -23.71 12.92 25.73
C ILE A 287 -22.39 12.38 26.36
N PRO A 288 -22.31 12.04 27.70
CA PRO A 288 -21.05 11.47 28.24
C PRO A 288 -20.65 10.08 27.69
N ASP A 289 -21.55 9.40 26.96
CA ASP A 289 -21.30 8.07 26.38
C ASP A 289 -20.72 8.07 24.96
N LEU A 290 -20.75 9.24 24.29
CA LEU A 290 -20.21 9.43 22.95
C LEU A 290 -18.70 9.13 22.90
N PRO A 291 -18.24 8.13 22.13
CA PRO A 291 -16.78 7.90 22.03
C PRO A 291 -16.06 9.06 21.31
N ARG A 292 -14.75 9.20 21.54
CA ARG A 292 -13.90 10.22 20.96
C ARG A 292 -14.01 10.31 19.42
N ALA A 293 -14.14 9.15 18.73
CA ALA A 293 -14.25 9.10 17.28
C ALA A 293 -15.69 9.05 16.75
N ALA A 294 -16.67 9.54 17.57
CA ALA A 294 -18.08 9.55 17.13
C ALA A 294 -18.32 10.59 16.04
N ARG A 295 -19.10 10.22 15.05
CA ARG A 295 -19.44 11.04 13.91
C ARG A 295 -20.96 11.07 13.66
N LEU A 296 -21.44 12.17 13.05
CA LEU A 296 -22.80 12.33 12.61
C LEU A 296 -22.76 12.00 11.12
N CYS A 297 -23.47 10.95 10.73
CA CYS A 297 -23.56 10.50 9.35
C CYS A 297 -24.92 10.89 8.82
N LEU A 298 -24.96 11.61 7.70
CA LEU A 298 -26.24 12.06 7.16
C LEU A 298 -26.34 12.00 5.61
N SER A 299 -27.58 12.13 5.12
CA SER A 299 -27.91 12.18 3.70
C SER A 299 -29.29 12.81 3.45
N ILE A 300 -29.48 13.40 2.26
CA ILE A 300 -30.78 13.92 1.83
C ILE A 300 -31.34 12.75 1.03
N CYS A 301 -32.57 12.30 1.39
CA CYS A 301 -33.24 11.18 0.73
C CYS A 301 -34.57 11.61 0.10
N SER A 302 -34.99 10.89 -0.93
CA SER A 302 -36.26 11.07 -1.64
C SER A 302 -37.13 9.83 -1.36
N VAL A 303 -38.42 10.02 -1.04
CA VAL A 303 -39.34 8.92 -0.73
C VAL A 303 -39.75 8.11 -1.97
N GLU A 311 -41.92 4.25 0.51
CA GLU A 311 -41.77 2.98 -0.20
C GLU A 311 -40.52 2.96 -1.12
N GLU A 312 -40.33 4.02 -1.95
CA GLU A 312 -39.22 4.13 -2.91
C GLU A 312 -38.08 5.06 -2.41
N HIS A 313 -37.44 4.68 -1.29
CA HIS A 313 -36.36 5.46 -0.67
C HIS A 313 -35.06 5.45 -1.46
N CYS A 314 -34.53 6.65 -1.75
CA CYS A 314 -33.28 6.80 -2.50
C CYS A 314 -32.44 7.98 -2.00
N PRO A 315 -31.13 7.79 -1.69
CA PRO A 315 -30.31 8.92 -1.24
C PRO A 315 -29.84 9.80 -2.41
N LEU A 316 -29.98 11.14 -2.27
CA LEU A 316 -29.59 12.12 -3.28
C LEU A 316 -28.12 12.58 -3.06
N ALA A 317 -27.84 13.19 -1.90
CA ALA A 317 -26.51 13.66 -1.49
C ALA A 317 -26.23 13.17 -0.06
N TRP A 318 -24.96 12.94 0.29
CA TRP A 318 -24.56 12.45 1.62
C TRP A 318 -23.35 13.24 2.16
N GLY A 319 -23.16 13.21 3.48
CA GLY A 319 -22.04 13.86 4.17
C GLY A 319 -21.87 13.39 5.59
N ASN A 320 -20.61 13.33 6.10
CA ASN A 320 -20.31 12.92 7.47
C ASN A 320 -19.56 14.04 8.23
N ILE A 321 -19.76 14.10 9.56
CA ILE A 321 -19.14 15.13 10.39
C ILE A 321 -18.59 14.49 11.64
N ASN A 322 -17.41 14.94 12.10
CA ASN A 322 -16.84 14.52 13.37
C ASN A 322 -17.56 15.32 14.45
N LEU A 323 -18.04 14.64 15.48
CA LEU A 323 -18.74 15.31 16.59
C LEU A 323 -17.76 16.10 17.48
N PHE A 324 -16.47 15.74 17.42
CA PHE A 324 -15.37 16.44 18.08
C PHE A 324 -14.38 16.94 17.03
N ASP A 325 -13.83 18.13 17.24
CA ASP A 325 -12.83 18.68 16.36
C ASP A 325 -11.44 18.19 16.82
N TYR A 326 -10.40 18.59 16.09
CA TYR A 326 -9.01 18.21 16.33
C TYR A 326 -8.46 18.67 17.65
N THR A 327 -9.19 19.55 18.36
CA THR A 327 -8.72 20.08 19.65
C THR A 327 -9.35 19.35 20.85
N ASP A 328 -10.20 18.31 20.58
CA ASP A 328 -10.94 17.48 21.54
C ASP A 328 -12.21 18.19 22.00
N THR A 329 -12.63 19.24 21.27
CA THR A 329 -13.80 20.06 21.57
C THR A 329 -15.07 19.49 20.93
N LEU A 330 -16.15 19.35 21.71
CA LEU A 330 -17.45 18.92 21.19
C LEU A 330 -18.08 20.11 20.46
N VAL A 331 -18.40 19.92 19.18
CA VAL A 331 -18.97 20.92 18.26
C VAL A 331 -20.32 21.44 18.75
N SER A 332 -20.49 22.77 18.71
CA SER A 332 -21.70 23.46 19.16
C SER A 332 -22.11 24.56 18.21
N GLY A 333 -23.41 24.82 18.14
CA GLY A 333 -23.99 25.89 17.35
C GLY A 333 -24.13 25.63 15.88
N LYS A 334 -24.42 26.70 15.12
CA LYS A 334 -24.64 26.68 13.67
C LYS A 334 -23.39 26.23 12.92
N MET A 335 -23.60 25.43 11.85
CA MET A 335 -22.57 24.86 11.01
C MET A 335 -23.20 24.43 9.68
N ALA A 336 -22.48 24.63 8.57
CA ALA A 336 -22.97 24.23 7.25
C ALA A 336 -22.05 23.18 6.61
N LEU A 337 -22.67 22.19 5.95
CA LEU A 337 -21.97 21.07 5.32
C LEU A 337 -22.36 20.85 3.85
N ASN A 338 -21.38 21.02 2.93
CA ASN A 338 -21.61 20.75 1.52
C ASN A 338 -21.52 19.25 1.29
N LEU A 339 -22.56 18.67 0.70
CA LEU A 339 -22.66 17.23 0.56
C LEU A 339 -21.99 16.68 -0.68
N TRP A 340 -21.86 15.35 -0.71
CA TRP A 340 -21.18 14.58 -1.76
C TRP A 340 -22.14 13.81 -2.63
N PRO A 341 -21.75 13.54 -3.90
CA PRO A 341 -22.63 12.74 -4.77
C PRO A 341 -22.65 11.28 -4.31
N VAL A 342 -23.83 10.67 -4.37
CA VAL A 342 -24.03 9.27 -4.01
C VAL A 342 -23.18 8.38 -4.93
N PRO A 343 -22.28 7.52 -4.39
CA PRO A 343 -21.45 6.67 -5.27
C PRO A 343 -22.26 5.60 -6.02
N HIS A 344 -21.75 5.12 -7.19
CA HIS A 344 -22.38 4.06 -7.99
C HIS A 344 -22.42 2.77 -7.17
N GLY A 345 -23.62 2.22 -6.99
CA GLY A 345 -23.84 1.02 -6.20
C GLY A 345 -23.82 1.29 -4.71
N LEU A 346 -24.65 2.26 -4.26
CA LEU A 346 -24.84 2.64 -2.85
C LEU A 346 -26.31 2.36 -2.53
N GLU A 347 -26.57 1.19 -1.91
CA GLU A 347 -27.92 0.72 -1.56
C GLU A 347 -28.49 1.40 -0.32
N ASP A 348 -27.71 1.42 0.80
CA ASP A 348 -28.16 2.03 2.05
C ASP A 348 -28.27 3.57 1.93
N LEU A 349 -29.16 4.16 2.73
CA LEU A 349 -29.43 5.59 2.74
C LEU A 349 -28.26 6.42 3.27
N LEU A 350 -27.40 5.84 4.14
CA LEU A 350 -26.23 6.54 4.70
C LEU A 350 -24.92 6.00 4.14
N ASN A 351 -23.82 6.76 4.33
CA ASN A 351 -22.48 6.40 3.87
C ASN A 351 -21.46 6.62 5.01
N PRO A 352 -21.55 5.85 6.13
CA PRO A 352 -20.62 6.07 7.27
C PRO A 352 -19.16 5.84 6.95
N ILE A 353 -18.88 4.88 6.08
CA ILE A 353 -17.54 4.51 5.62
C ILE A 353 -17.00 5.56 4.62
N GLY A 354 -17.86 6.47 4.18
CA GLY A 354 -17.49 7.55 3.27
C GLY A 354 -16.62 8.60 3.92
N VAL A 355 -16.09 9.53 3.10
CA VAL A 355 -15.24 10.64 3.55
C VAL A 355 -15.99 11.55 4.54
N THR A 356 -15.27 12.06 5.52
CA THR A 356 -15.78 12.92 6.58
C THR A 356 -15.27 14.34 6.31
N GLY A 357 -16.19 15.28 6.16
CA GLY A 357 -15.86 16.67 5.86
C GLY A 357 -16.71 17.24 4.75
N SER A 358 -16.76 18.57 4.69
CA SER A 358 -17.53 19.33 3.70
C SER A 358 -16.89 19.21 2.31
N ASN A 359 -17.73 19.00 1.27
CA ASN A 359 -17.30 18.96 -0.11
C ASN A 359 -16.63 20.30 -0.50
N PRO A 360 -15.38 20.31 -1.03
CA PRO A 360 -14.72 21.58 -1.39
C PRO A 360 -15.46 22.35 -2.50
N ASN A 361 -16.25 21.62 -3.30
CA ASN A 361 -17.09 22.19 -4.35
C ASN A 361 -18.33 22.77 -3.61
N LYS A 362 -18.47 24.11 -3.62
CA LYS A 362 -19.54 24.82 -2.92
C LYS A 362 -20.82 25.02 -3.75
N GLU A 363 -20.87 24.42 -4.94
CA GLU A 363 -22.04 24.46 -5.81
C GLU A 363 -22.64 23.05 -5.78
N THR A 364 -22.86 22.59 -4.55
CA THR A 364 -23.36 21.25 -4.21
C THR A 364 -24.38 21.45 -3.08
N PRO A 365 -25.34 20.52 -2.88
CA PRO A 365 -26.31 20.68 -1.78
C PRO A 365 -25.62 21.00 -0.47
N CYS A 366 -26.03 22.09 0.16
CA CYS A 366 -25.44 22.58 1.40
C CYS A 366 -26.40 22.53 2.57
N LEU A 367 -26.26 21.50 3.43
CA LEU A 367 -27.11 21.34 4.60
C LEU A 367 -26.62 22.19 5.77
N GLU A 368 -27.55 22.96 6.35
CA GLU A 368 -27.29 23.79 7.51
C GLU A 368 -27.80 23.06 8.72
N LEU A 369 -27.01 23.03 9.79
CA LEU A 369 -27.43 22.37 11.00
C LEU A 369 -26.98 23.11 12.20
N GLU A 370 -27.50 22.72 13.36
CA GLU A 370 -27.16 23.34 14.61
C GLU A 370 -27.01 22.29 15.70
N PHE A 371 -25.91 22.36 16.40
CA PHE A 371 -25.57 21.49 17.50
C PHE A 371 -25.91 22.19 18.81
N ASP A 372 -26.19 21.41 19.87
CA ASP A 372 -26.53 21.91 21.19
C ASP A 372 -25.43 22.76 21.85
N TRP A 373 -25.84 23.79 22.60
CA TRP A 373 -24.93 24.65 23.34
C TRP A 373 -25.21 24.48 24.83
N PHE A 374 -24.15 24.30 25.61
CA PHE A 374 -24.26 24.10 27.04
C PHE A 374 -23.70 25.32 27.76
N SER A 375 -23.41 25.20 29.08
CA SER A 375 -22.88 26.28 29.91
C SER A 375 -21.70 27.01 29.25
N SER A 376 -20.66 26.25 28.84
CA SER A 376 -19.46 26.76 28.19
C SER A 376 -19.05 25.83 27.04
N VAL A 377 -17.75 25.84 26.65
CA VAL A 377 -17.21 24.95 25.62
C VAL A 377 -16.94 23.57 26.25
N VAL A 378 -17.46 22.49 25.64
CA VAL A 378 -17.29 21.14 26.19
C VAL A 378 -16.11 20.46 25.50
N LYS A 379 -15.23 19.88 26.30
CA LYS A 379 -14.06 19.13 25.82
C LYS A 379 -14.10 17.68 26.29
N PHE A 380 -13.48 16.78 25.51
CA PHE A 380 -13.37 15.37 25.83
C PHE A 380 -12.46 15.25 27.08
N PRO A 381 -12.77 14.44 28.11
CA PRO A 381 -11.85 14.35 29.28
C PRO A 381 -10.44 13.85 28.92
N ASP A 382 -9.41 14.23 29.71
CA ASP A 382 -8.04 13.80 29.47
C ASP A 382 -7.77 12.45 30.08
N MET A 383 -6.61 11.82 29.76
CA MET A 383 -6.27 10.47 30.24
C MET A 383 -6.38 10.26 31.76
N SER A 384 -5.93 11.22 32.58
CA SER A 384 -5.97 11.13 34.04
C SER A 384 -7.42 10.89 34.55
N VAL A 385 -8.40 11.65 34.01
CA VAL A 385 -9.85 11.56 34.30
C VAL A 385 -10.39 10.18 33.84
N ILE A 386 -9.96 9.72 32.65
CA ILE A 386 -10.35 8.43 32.07
C ILE A 386 -9.79 7.27 32.90
N GLU A 387 -8.48 7.31 33.24
CA GLU A 387 -7.77 6.29 34.03
C GLU A 387 -8.39 6.11 35.42
N GLU A 388 -8.77 7.23 36.06
CA GLU A 388 -9.42 7.26 37.36
C GLU A 388 -10.78 6.56 37.28
N HIS A 389 -11.56 6.87 36.21
CA HIS A 389 -12.88 6.28 35.96
C HIS A 389 -12.80 4.78 35.71
N ALA A 390 -11.81 4.33 34.91
CA ALA A 390 -11.60 2.90 34.62
C ALA A 390 -11.27 2.15 35.90
N ASN A 391 -10.36 2.71 36.73
CA ASN A 391 -9.97 2.11 38.00
C ASN A 391 -11.13 2.06 38.99
N TRP A 392 -12.01 3.08 39.00
CA TRP A 392 -13.22 3.11 39.81
C TRP A 392 -14.16 1.95 39.37
N SER A 393 -14.30 1.73 38.03
CA SER A 393 -15.15 0.69 37.43
C SER A 393 -14.61 -0.72 37.68
N VAL A 394 -13.29 -0.92 37.55
CA VAL A 394 -12.56 -2.16 37.74
C VAL A 394 -12.72 -2.66 39.20
N SER A 395 -12.55 -1.74 40.17
CA SER A 395 -12.63 -1.96 41.62
C SER A 395 -14.07 -2.27 42.00
N ARG A 396 -15.04 -1.55 41.38
CA ARG A 396 -16.48 -1.72 41.56
C ARG A 396 -16.89 -3.15 41.14
N GLU A 397 -16.40 -3.61 39.95
CA GLU A 397 -16.70 -4.93 39.38
C GLU A 397 -16.08 -6.07 40.15
N ALA A 398 -14.91 -5.83 40.76
CA ALA A 398 -14.13 -6.79 41.55
C ALA A 398 -14.87 -7.15 42.86
N GLY A 399 -15.71 -6.23 43.35
CA GLY A 399 -16.52 -6.45 44.55
C GLY A 399 -17.92 -6.96 44.27
N PHE A 400 -18.25 -7.33 42.99
CA PHE A 400 -19.60 -7.81 42.61
C PHE A 400 -19.88 -9.21 43.10
N SER A 401 -21.03 -9.41 43.76
CA SER A 401 -21.46 -10.73 44.23
C SER A 401 -21.76 -11.67 43.05
N TYR A 402 -21.87 -12.98 43.31
CA TYR A 402 -22.20 -13.97 42.31
C TYR A 402 -23.50 -13.58 41.55
N SER A 403 -24.55 -13.16 42.31
CA SER A 403 -25.87 -12.82 41.75
C SER A 403 -25.88 -11.50 40.98
N HIS A 404 -25.04 -10.53 41.38
CA HIS A 404 -24.92 -9.24 40.70
C HIS A 404 -24.28 -9.53 39.32
N ALA A 405 -23.21 -10.35 39.27
CA ALA A 405 -22.52 -10.74 38.02
C ALA A 405 -23.46 -11.52 37.10
N GLY A 406 -24.40 -12.26 37.70
CA GLY A 406 -25.44 -13.02 37.02
C GLY A 406 -26.39 -12.16 36.19
N LEU A 407 -26.53 -10.85 36.55
CA LEU A 407 -27.40 -9.90 35.83
C LEU A 407 -26.93 -9.56 34.39
N SER A 408 -25.63 -9.79 34.09
CA SER A 408 -25.07 -9.45 32.78
C SER A 408 -24.06 -10.46 32.32
N ASN A 409 -24.15 -10.87 31.04
CA ASN A 409 -23.18 -11.82 30.48
C ASN A 409 -21.83 -11.15 30.18
N ARG A 410 -21.80 -9.81 30.20
CA ARG A 410 -20.62 -8.97 29.98
C ARG A 410 -19.87 -8.79 31.27
N LEU A 411 -20.47 -9.24 32.39
CA LEU A 411 -19.84 -9.09 33.71
C LEU A 411 -18.84 -10.20 34.03
N ALA A 412 -17.58 -9.74 34.27
CA ALA A 412 -16.38 -10.49 34.61
C ALA A 412 -16.54 -11.23 35.97
N ARG A 413 -16.12 -12.51 36.01
CA ARG A 413 -16.15 -13.33 37.23
C ARG A 413 -14.71 -13.76 37.58
N ASP A 414 -14.12 -13.10 38.60
CA ASP A 414 -12.77 -13.33 39.12
C ASP A 414 -12.57 -14.77 39.62
N ASN A 415 -11.43 -15.38 39.25
CA ASN A 415 -11.05 -16.75 39.61
C ASN A 415 -12.18 -17.76 39.29
N GLU A 416 -12.77 -17.62 38.08
CA GLU A 416 -13.83 -18.48 37.53
C GLU A 416 -13.44 -18.90 36.10
N LEU A 417 -12.25 -18.44 35.63
CA LEU A 417 -11.69 -18.73 34.32
C LEU A 417 -11.14 -20.17 34.25
N ARG A 418 -11.91 -21.05 33.61
CA ARG A 418 -11.55 -22.46 33.42
C ARG A 418 -10.68 -22.61 32.16
N GLU A 419 -10.08 -23.79 31.97
CA GLU A 419 -9.24 -24.11 30.80
C GLU A 419 -10.06 -24.21 29.50
N ASN A 420 -11.39 -24.41 29.62
CA ASN A 420 -12.33 -24.46 28.50
C ASN A 420 -12.46 -23.04 27.95
N ASP A 421 -12.63 -22.04 28.86
CA ASP A 421 -12.75 -20.62 28.53
C ASP A 421 -11.46 -20.12 27.87
N LYS A 422 -10.31 -20.55 28.43
CA LYS A 422 -8.96 -20.22 27.99
C LYS A 422 -8.68 -20.75 26.59
N GLU A 423 -9.19 -21.95 26.27
CA GLU A 423 -9.05 -22.61 24.97
C GLU A 423 -9.98 -21.98 23.92
N GLN A 424 -11.20 -21.54 24.34
CA GLN A 424 -12.23 -20.88 23.53
C GLN A 424 -11.68 -19.54 23.05
N LEU A 425 -11.05 -18.78 23.98
CA LEU A 425 -10.41 -17.50 23.69
C LEU A 425 -9.30 -17.67 22.62
N LYS A 426 -8.40 -18.69 22.79
CA LYS A 426 -7.31 -19.05 21.86
C LYS A 426 -7.88 -19.37 20.46
N ALA A 427 -8.93 -20.22 20.40
CA ALA A 427 -9.62 -20.60 19.16
C ALA A 427 -10.14 -19.35 18.45
N ILE A 428 -10.86 -18.43 19.18
CA ILE A 428 -11.36 -17.16 18.64
C ILE A 428 -10.24 -16.32 18.00
N SER A 429 -9.09 -16.17 18.70
CA SER A 429 -7.93 -15.36 18.25
C SER A 429 -7.25 -15.86 16.98
N THR A 430 -7.41 -17.16 16.66
CA THR A 430 -6.81 -17.76 15.45
C THR A 430 -7.72 -17.58 14.22
N ARG A 431 -8.94 -17.03 14.40
CA ARG A 431 -9.86 -16.83 13.28
C ARG A 431 -9.40 -15.64 12.45
N ASP A 432 -9.74 -15.63 11.16
CA ASP A 432 -9.37 -14.55 10.25
C ASP A 432 -10.13 -13.25 10.61
N PRO A 433 -9.66 -12.05 10.18
CA PRO A 433 -10.36 -10.81 10.55
C PRO A 433 -11.78 -10.63 10.05
N LEU A 434 -12.20 -11.40 9.04
CA LEU A 434 -13.53 -11.25 8.43
C LEU A 434 -14.53 -12.29 8.97
N SER A 435 -14.08 -13.13 9.93
CA SER A 435 -14.93 -14.11 10.62
C SER A 435 -15.90 -13.34 11.53
N GLU A 436 -17.18 -13.71 11.48
CA GLU A 436 -18.22 -13.08 12.29
C GLU A 436 -18.03 -13.46 13.74
N ILE A 437 -17.98 -12.45 14.57
CA ILE A 437 -17.88 -12.64 16.01
C ILE A 437 -19.31 -12.48 16.54
N THR A 438 -19.91 -13.57 17.04
CA THR A 438 -21.28 -13.50 17.57
C THR A 438 -21.37 -12.65 18.83
N GLU A 439 -22.59 -12.20 19.14
CA GLU A 439 -22.93 -11.42 20.31
C GLU A 439 -22.52 -12.14 21.60
N GLN A 440 -22.69 -13.49 21.64
CA GLN A 440 -22.29 -14.33 22.78
C GLN A 440 -20.78 -14.25 22.92
N GLU A 441 -20.04 -14.43 21.78
CA GLU A 441 -18.56 -14.33 21.74
C GLU A 441 -18.11 -12.94 22.17
N LYS A 442 -18.82 -11.88 21.73
CA LYS A 442 -18.49 -10.51 22.10
C LYS A 442 -18.62 -10.31 23.63
N ASP A 443 -19.75 -10.74 24.25
CA ASP A 443 -19.97 -10.70 25.72
C ASP A 443 -18.91 -11.52 26.45
N PHE A 444 -18.59 -12.69 25.88
CA PHE A 444 -17.57 -13.60 26.36
C PHE A 444 -16.18 -12.93 26.38
N LEU A 445 -15.69 -12.46 25.21
CA LEU A 445 -14.40 -11.76 25.07
C LEU A 445 -14.28 -10.58 26.02
N TRP A 446 -15.33 -9.73 26.11
CA TRP A 446 -15.29 -8.56 27.00
C TRP A 446 -15.21 -8.93 28.47
N SER A 447 -16.00 -9.93 28.92
CA SER A 447 -15.94 -10.37 30.33
C SER A 447 -14.56 -10.95 30.71
N HIS A 448 -13.80 -11.46 29.72
CA HIS A 448 -12.47 -12.02 29.92
C HIS A 448 -11.36 -11.15 29.33
N ARG A 449 -11.57 -9.82 29.30
CA ARG A 449 -10.61 -8.85 28.74
C ARG A 449 -9.25 -8.82 29.43
N HIS A 450 -9.21 -9.25 30.71
CA HIS A 450 -8.00 -9.27 31.52
C HIS A 450 -7.13 -10.47 31.19
N TYR A 451 -7.75 -11.61 30.82
CA TYR A 451 -6.99 -12.79 30.38
C TYR A 451 -6.44 -12.54 28.97
N CYS A 452 -7.23 -11.84 28.12
CA CYS A 452 -6.93 -11.47 26.73
C CYS A 452 -5.54 -10.81 26.56
N VAL A 453 -5.09 -10.08 27.61
CA VAL A 453 -3.78 -9.41 27.71
C VAL A 453 -2.64 -10.45 27.52
N THR A 454 -2.88 -11.72 27.93
CA THR A 454 -1.94 -12.84 27.84
C THR A 454 -1.86 -13.48 26.44
N ILE A 455 -2.84 -13.18 25.54
CA ILE A 455 -2.85 -13.62 24.13
C ILE A 455 -2.96 -12.30 23.35
N PRO A 456 -1.87 -11.51 23.24
CA PRO A 456 -2.01 -10.16 22.66
C PRO A 456 -2.60 -10.05 21.26
N GLU A 457 -2.46 -11.09 20.42
CA GLU A 457 -2.97 -11.08 19.03
C GLU A 457 -4.53 -11.09 18.96
N ILE A 458 -5.23 -11.23 20.11
CA ILE A 458 -6.69 -11.17 20.20
C ILE A 458 -7.19 -9.71 20.23
N LEU A 459 -6.30 -8.73 20.43
CA LEU A 459 -6.72 -7.33 20.51
C LEU A 459 -7.77 -6.90 19.43
N PRO A 460 -7.61 -7.18 18.11
CA PRO A 460 -8.67 -6.77 17.15
C PRO A 460 -10.09 -7.32 17.44
N LYS A 461 -10.20 -8.61 17.84
CA LYS A 461 -11.51 -9.26 18.16
C LYS A 461 -12.15 -8.62 19.41
N LEU A 462 -11.35 -8.45 20.49
CA LEU A 462 -11.71 -7.82 21.74
C LEU A 462 -12.13 -6.36 21.53
N LEU A 463 -11.45 -5.64 20.62
CA LEU A 463 -11.82 -4.24 20.33
C LEU A 463 -13.19 -4.15 19.65
N LEU A 464 -13.55 -5.16 18.85
CA LEU A 464 -14.85 -5.22 18.17
C LEU A 464 -15.99 -5.70 19.08
N SER A 465 -15.66 -6.19 20.27
CA SER A 465 -16.58 -6.68 21.29
C SER A 465 -16.97 -5.61 22.32
N VAL A 466 -16.32 -4.43 22.28
CA VAL A 466 -16.53 -3.31 23.19
C VAL A 466 -17.77 -2.58 22.82
N LYS A 467 -18.48 -2.04 23.83
CA LYS A 467 -19.65 -1.21 23.60
C LYS A 467 -19.11 0.17 23.57
N TRP A 468 -18.74 0.63 22.35
CA TRP A 468 -18.16 1.96 22.08
C TRP A 468 -19.09 3.10 22.52
N ASN A 469 -20.39 2.80 22.74
CA ASN A 469 -21.40 3.76 23.25
C ASN A 469 -21.54 3.69 24.78
N SER A 470 -20.59 3.02 25.47
CA SER A 470 -20.56 2.91 26.92
C SER A 470 -19.21 3.44 27.41
N ARG A 471 -19.20 4.64 28.00
CA ARG A 471 -18.00 5.26 28.55
C ARG A 471 -17.37 4.45 29.68
N ASP A 472 -18.16 3.61 30.37
CA ASP A 472 -17.66 2.75 31.44
C ASP A 472 -16.78 1.65 30.84
N GLU A 473 -17.14 1.20 29.62
CA GLU A 473 -16.39 0.17 28.88
C GLU A 473 -15.18 0.75 28.15
N VAL A 474 -15.39 1.82 27.38
CA VAL A 474 -14.33 2.48 26.62
C VAL A 474 -13.17 2.94 27.53
N ALA A 475 -13.47 3.52 28.73
CA ALA A 475 -12.48 3.96 29.72
C ALA A 475 -11.60 2.80 30.14
N GLN A 476 -12.20 1.61 30.33
CA GLN A 476 -11.48 0.39 30.68
C GLN A 476 -10.68 -0.16 29.48
N MET A 477 -11.22 0.00 28.25
CA MET A 477 -10.58 -0.42 27.00
C MET A 477 -9.27 0.35 26.80
N TYR A 478 -9.30 1.66 27.10
CA TYR A 478 -8.16 2.58 27.04
C TYR A 478 -6.99 2.14 27.91
N CYS A 479 -7.26 1.86 29.20
CA CYS A 479 -6.27 1.43 30.19
C CYS A 479 -5.67 0.09 29.86
N LEU A 480 -6.43 -0.80 29.18
CA LEU A 480 -5.90 -2.07 28.69
C LEU A 480 -5.03 -1.82 27.42
N VAL A 481 -5.38 -0.79 26.60
CA VAL A 481 -4.65 -0.46 25.36
C VAL A 481 -3.29 0.20 25.73
N LYS A 482 -3.31 1.11 26.74
CA LYS A 482 -2.16 1.85 27.30
C LYS A 482 -1.03 0.90 27.75
N ASP A 483 -1.38 -0.30 28.24
CA ASP A 483 -0.43 -1.31 28.69
C ASP A 483 -0.45 -2.61 27.88
N TRP A 484 -1.08 -2.61 26.68
CA TRP A 484 -1.18 -3.82 25.87
C TRP A 484 0.17 -4.30 25.33
N PRO A 485 0.52 -5.60 25.47
CA PRO A 485 1.78 -6.08 24.89
C PRO A 485 1.86 -5.77 23.39
N PRO A 486 3.04 -5.46 22.83
CA PRO A 486 3.08 -5.11 21.40
C PRO A 486 2.89 -6.33 20.53
N ILE A 487 2.31 -6.12 19.37
CA ILE A 487 2.01 -7.19 18.41
C ILE A 487 2.83 -6.93 17.14
N LYS A 488 2.90 -7.94 16.24
CA LYS A 488 3.62 -7.83 14.96
C LYS A 488 3.08 -6.64 14.13
N PRO A 489 3.95 -5.88 13.41
CA PRO A 489 3.43 -4.77 12.57
C PRO A 489 2.32 -5.20 11.60
N GLU A 490 2.34 -6.47 11.13
CA GLU A 490 1.33 -7.08 10.23
C GLU A 490 -0.03 -7.28 10.90
N GLN A 491 -0.06 -7.43 12.24
CA GLN A 491 -1.26 -7.59 13.06
C GLN A 491 -1.75 -6.18 13.42
N ALA A 492 -0.80 -5.29 13.73
CA ALA A 492 -1.00 -3.87 14.06
C ALA A 492 -1.59 -3.05 12.88
N MET A 493 -1.22 -3.39 11.61
CA MET A 493 -1.70 -2.72 10.40
C MET A 493 -3.22 -2.73 10.29
N GLU A 494 -3.86 -3.88 10.64
CA GLU A 494 -5.31 -4.06 10.69
C GLU A 494 -5.99 -2.98 11.56
N LEU A 495 -5.36 -2.58 12.67
CA LEU A 495 -5.90 -1.59 13.62
C LEU A 495 -5.91 -0.17 13.08
N LEU A 496 -5.44 -0.01 11.83
CA LEU A 496 -5.41 1.26 11.12
C LEU A 496 -6.47 1.31 10.02
N ASP A 497 -7.18 0.18 9.79
CA ASP A 497 -8.25 0.14 8.79
C ASP A 497 -9.54 0.83 9.34
N CYS A 498 -10.63 0.78 8.55
CA CYS A 498 -11.91 1.46 8.81
C CYS A 498 -12.69 0.91 10.00
N ASN A 499 -12.34 -0.32 10.45
CA ASN A 499 -13.03 -0.94 11.59
C ASN A 499 -12.54 -0.42 12.93
N TYR A 500 -11.48 0.40 12.92
CA TYR A 500 -10.82 0.89 14.14
C TYR A 500 -10.63 2.39 14.10
N PRO A 501 -11.70 3.18 14.35
CA PRO A 501 -11.56 4.65 14.28
C PRO A 501 -10.95 5.34 15.50
N ASP A 502 -10.89 4.63 16.66
CA ASP A 502 -10.43 5.21 17.93
C ASP A 502 -8.96 5.65 17.93
N PRO A 503 -8.67 6.91 18.36
CA PRO A 503 -7.28 7.40 18.34
C PRO A 503 -6.30 6.65 19.23
N MET A 504 -6.78 6.18 20.40
CA MET A 504 -5.97 5.42 21.37
C MET A 504 -5.53 4.07 20.82
N VAL A 505 -6.41 3.42 20.01
CA VAL A 505 -6.23 2.15 19.31
C VAL A 505 -5.24 2.36 18.13
N ARG A 506 -5.47 3.42 17.32
CA ARG A 506 -4.64 3.75 16.16
C ARG A 506 -3.23 4.15 16.62
N GLY A 507 -3.15 4.82 17.79
CA GLY A 507 -1.90 5.23 18.44
C GLY A 507 -1.07 4.03 18.84
N PHE A 508 -1.73 3.00 19.42
CA PHE A 508 -1.08 1.76 19.81
C PHE A 508 -0.49 1.09 18.57
N ALA A 509 -1.29 0.95 17.49
CA ALA A 509 -0.89 0.40 16.17
C ALA A 509 0.31 1.17 15.60
N VAL A 510 0.29 2.51 15.71
CA VAL A 510 1.40 3.31 15.18
C VAL A 510 2.68 3.00 15.97
N ARG A 511 2.56 2.90 17.30
CA ARG A 511 3.64 2.55 18.22
C ARG A 511 4.27 1.20 17.89
N CYS A 512 3.46 0.25 17.41
CA CYS A 512 3.93 -1.06 16.99
C CYS A 512 4.70 -0.98 15.68
N LEU A 513 4.35 0.01 14.82
CA LEU A 513 5.06 0.20 13.55
C LEU A 513 6.37 0.88 13.84
N GLU A 514 6.39 1.85 14.78
CA GLU A 514 7.60 2.55 15.20
C GLU A 514 8.63 1.65 15.85
N LYS A 515 8.21 0.63 16.62
CA LYS A 515 9.18 -0.25 17.27
C LYS A 515 9.63 -1.43 16.41
N TYR A 516 8.71 -2.07 15.63
CA TYR A 516 9.01 -3.29 14.88
C TYR A 516 8.90 -3.24 13.34
N LEU A 517 8.54 -2.12 12.73
CA LEU A 517 8.45 -2.13 11.27
C LEU A 517 9.76 -1.70 10.64
N THR A 518 10.43 -2.64 9.93
CA THR A 518 11.69 -2.30 9.24
C THR A 518 11.43 -1.44 7.99
N ASP A 519 12.44 -0.67 7.54
CA ASP A 519 12.36 0.14 6.32
C ASP A 519 11.97 -0.69 5.06
N ASP A 520 12.43 -1.98 4.99
CA ASP A 520 12.09 -2.93 3.92
C ASP A 520 10.57 -3.21 3.92
N LYS A 521 10.02 -3.52 5.10
CA LYS A 521 8.62 -3.84 5.24
C LYS A 521 7.75 -2.59 5.06
N LEU A 522 8.21 -1.43 5.54
CA LEU A 522 7.57 -0.13 5.36
C LEU A 522 7.45 0.18 3.84
N SER A 523 8.55 -0.03 3.06
CA SER A 523 8.58 0.14 1.60
C SER A 523 7.51 -0.75 0.89
N GLN A 524 7.42 -2.02 1.33
CA GLN A 524 6.54 -3.07 0.84
C GLN A 524 5.02 -2.76 1.05
N TYR A 525 4.64 -2.23 2.22
CA TYR A 525 3.27 -1.92 2.61
C TYR A 525 2.95 -0.44 2.56
N LEU A 526 3.82 0.39 1.96
CA LEU A 526 3.62 1.84 1.85
C LEU A 526 2.29 2.21 1.22
N ILE A 527 1.85 1.49 0.19
CA ILE A 527 0.57 1.77 -0.46
C ILE A 527 -0.59 1.66 0.56
N GLN A 528 -0.61 0.60 1.39
CA GLN A 528 -1.66 0.43 2.41
C GLN A 528 -1.61 1.54 3.46
N LEU A 529 -0.42 1.86 3.95
CA LEU A 529 -0.14 2.90 4.94
C LEU A 529 -0.52 4.28 4.47
N VAL A 530 -0.25 4.60 3.19
CA VAL A 530 -0.69 5.87 2.62
C VAL A 530 -2.25 5.90 2.53
N GLN A 531 -2.92 4.79 2.13
CA GLN A 531 -4.38 4.75 2.03
C GLN A 531 -5.11 4.93 3.35
N VAL A 532 -4.62 4.29 4.42
CA VAL A 532 -5.30 4.34 5.72
C VAL A 532 -5.21 5.75 6.39
N LEU A 533 -4.44 6.68 5.80
CA LEU A 533 -4.35 8.09 6.22
C LEU A 533 -5.71 8.76 6.04
N LYS A 534 -6.41 8.37 4.98
CA LYS A 534 -7.73 8.87 4.60
C LYS A 534 -8.78 8.49 5.62
N TYR A 535 -8.46 7.56 6.52
CA TYR A 535 -9.33 7.11 7.58
C TYR A 535 -9.09 7.88 8.88
N GLU A 536 -8.04 8.71 8.95
CA GLU A 536 -7.76 9.52 10.13
C GLU A 536 -8.80 10.64 10.21
N GLN A 537 -9.35 10.89 11.42
CA GLN A 537 -10.35 11.95 11.59
C GLN A 537 -9.77 13.32 11.28
N TYR A 538 -8.49 13.54 11.70
CA TYR A 538 -7.76 14.80 11.64
C TYR A 538 -6.49 14.75 10.79
N LEU A 539 -6.07 15.94 10.34
CA LEU A 539 -4.89 16.20 9.53
C LEU A 539 -3.61 15.82 10.29
N ASP A 540 -3.51 16.30 11.53
CA ASP A 540 -2.40 16.03 12.44
C ASP A 540 -2.75 14.83 13.31
N ASN A 541 -2.02 13.72 13.08
CA ASN A 541 -2.17 12.45 13.79
C ASN A 541 -0.81 11.75 13.89
N LEU A 542 -0.75 10.64 14.63
CA LEU A 542 0.48 9.89 14.84
C LEU A 542 0.90 9.06 13.62
N LEU A 543 -0.04 8.71 12.75
CA LEU A 543 0.27 7.92 11.57
C LEU A 543 0.97 8.80 10.53
N VAL A 544 0.42 9.99 10.26
CA VAL A 544 0.99 10.95 9.33
C VAL A 544 2.42 11.34 9.76
N ARG A 545 2.65 11.52 11.07
CA ARG A 545 3.93 11.93 11.69
C ARG A 545 5.02 10.89 11.58
N PHE A 546 4.62 9.64 11.65
CA PHE A 546 5.48 8.47 11.52
C PHE A 546 5.88 8.33 10.06
N LEU A 547 4.90 8.37 9.15
CA LEU A 547 5.15 8.21 7.71
C LEU A 547 6.03 9.30 7.17
N LEU A 548 5.70 10.55 7.50
CA LEU A 548 6.45 11.73 7.06
C LEU A 548 7.88 11.70 7.60
N LYS A 549 8.07 11.21 8.86
CA LYS A 549 9.41 11.12 9.45
C LYS A 549 10.23 10.13 8.68
N LYS A 550 9.63 8.98 8.30
CA LYS A 550 10.33 7.94 7.55
C LYS A 550 10.60 8.34 6.09
N ALA A 551 9.66 9.10 5.47
CA ALA A 551 9.82 9.64 4.12
C ALA A 551 11.01 10.61 4.05
N LEU A 552 11.14 11.45 5.10
CA LEU A 552 12.18 12.50 5.20
C LEU A 552 13.53 12.00 5.81
N THR A 553 13.62 10.70 6.11
CA THR A 553 14.73 10.03 6.76
C THR A 553 15.31 8.90 5.84
N ASN A 554 14.54 8.49 4.83
CA ASN A 554 14.88 7.46 3.86
C ASN A 554 14.35 7.91 2.49
N GLN A 555 15.26 8.25 1.58
CA GLN A 555 14.89 8.75 0.25
C GLN A 555 14.19 7.70 -0.63
N ARG A 556 14.39 6.38 -0.36
CA ARG A 556 13.69 5.33 -1.13
C ARG A 556 12.20 5.35 -0.76
N ILE A 557 11.90 5.57 0.54
CA ILE A 557 10.55 5.66 1.07
C ILE A 557 9.93 6.98 0.63
N GLY A 558 10.69 8.06 0.79
CA GLY A 558 10.29 9.41 0.43
C GLY A 558 9.86 9.54 -1.01
N HIS A 559 10.62 8.88 -1.92
CA HIS A 559 10.34 8.83 -3.34
C HIS A 559 8.94 8.25 -3.61
N PHE A 560 8.65 7.01 -3.13
CA PHE A 560 7.35 6.39 -3.38
C PHE A 560 6.20 7.04 -2.60
N PHE A 561 6.50 7.61 -1.43
CA PHE A 561 5.55 8.35 -0.59
C PHE A 561 5.09 9.55 -1.39
N PHE A 562 6.04 10.32 -1.99
CA PHE A 562 5.72 11.45 -2.85
C PHE A 562 4.81 11.03 -4.01
N TRP A 563 5.17 9.98 -4.76
CA TRP A 563 4.40 9.51 -5.91
C TRP A 563 3.01 8.97 -5.58
N HIS A 564 2.83 8.23 -4.48
CA HIS A 564 1.49 7.74 -4.10
C HIS A 564 0.55 8.91 -3.77
N LEU A 565 1.07 9.92 -3.06
CA LEU A 565 0.34 11.14 -2.69
C LEU A 565 -0.02 11.95 -3.90
N LYS A 566 0.97 12.21 -4.76
CA LYS A 566 0.82 13.01 -5.97
C LYS A 566 -0.18 12.41 -6.95
N SER A 567 -0.15 11.10 -7.12
CA SER A 567 -0.99 10.40 -8.06
C SER A 567 -2.47 10.57 -7.82
N GLU A 568 -2.87 10.91 -6.58
CA GLU A 568 -4.24 11.09 -6.13
C GLU A 568 -4.64 12.55 -5.91
N MET A 569 -3.79 13.50 -6.31
CA MET A 569 -4.02 14.94 -6.15
C MET A 569 -5.22 15.50 -6.92
N HIS A 570 -5.70 14.78 -7.96
CA HIS A 570 -6.88 15.12 -8.76
C HIS A 570 -8.16 14.82 -7.98
N ASN A 571 -8.06 13.95 -6.98
CA ASN A 571 -9.16 13.54 -6.11
C ASN A 571 -9.36 14.60 -5.02
N LYS A 572 -10.46 15.40 -5.19
CA LYS A 572 -10.85 16.53 -4.33
C LYS A 572 -11.29 16.09 -2.93
N THR A 573 -11.45 14.80 -2.76
CA THR A 573 -11.76 14.15 -1.50
C THR A 573 -10.50 14.12 -0.59
N VAL A 574 -9.28 14.05 -1.22
CA VAL A 574 -8.01 13.86 -0.51
C VAL A 574 -6.97 14.93 -0.83
N SER A 575 -7.21 15.76 -1.87
CA SER A 575 -6.24 16.73 -2.38
C SER A 575 -5.75 17.75 -1.35
N GLN A 576 -6.60 18.15 -0.40
CA GLN A 576 -6.17 19.06 0.65
C GLN A 576 -5.34 18.32 1.67
N ARG A 577 -5.77 17.12 2.09
CA ARG A 577 -4.96 16.36 3.05
C ARG A 577 -3.58 16.06 2.45
N PHE A 578 -3.57 15.46 1.21
CA PHE A 578 -2.38 15.02 0.51
C PHE A 578 -1.52 16.20 0.04
N GLY A 579 -2.14 17.35 -0.24
CA GLY A 579 -1.43 18.55 -0.65
C GLY A 579 -0.61 19.17 0.46
N LEU A 580 -1.19 19.27 1.65
CA LEU A 580 -0.55 19.79 2.84
C LEU A 580 0.59 18.89 3.31
N LEU A 581 0.41 17.58 3.19
CA LEU A 581 1.43 16.60 3.55
C LEU A 581 2.55 16.66 2.50
N LEU A 582 2.18 16.84 1.22
CA LEU A 582 3.19 17.04 0.18
C LEU A 582 4.01 18.31 0.41
N GLU A 583 3.35 19.41 0.83
CA GLU A 583 4.02 20.68 1.10
C GLU A 583 5.08 20.48 2.17
N SER A 584 4.71 19.88 3.31
CA SER A 584 5.60 19.59 4.42
C SER A 584 6.77 18.70 4.01
N TYR A 585 6.52 17.66 3.18
CA TYR A 585 7.56 16.77 2.66
C TYR A 585 8.56 17.55 1.78
N CYS A 586 8.04 18.40 0.87
CA CYS A 586 8.82 19.20 -0.11
C CYS A 586 9.68 20.26 0.56
N ARG A 587 9.27 20.79 1.73
CA ARG A 587 10.07 21.81 2.43
C ARG A 587 11.32 21.22 3.07
N ALA A 588 11.32 19.90 3.36
CA ALA A 588 12.37 19.24 4.11
C ALA A 588 13.08 18.06 3.44
N CYS A 589 12.68 17.65 2.23
CA CYS A 589 13.34 16.49 1.62
C CYS A 589 14.74 16.81 1.12
N GLY A 590 15.03 18.11 1.02
CA GLY A 590 16.33 18.59 0.58
C GLY A 590 16.45 18.61 -0.94
N MET A 591 17.65 18.29 -1.42
CA MET A 591 18.03 18.28 -2.83
C MET A 591 17.08 17.48 -3.75
N TYR A 592 16.46 16.41 -3.22
CA TYR A 592 15.54 15.53 -3.95
C TYR A 592 14.30 16.26 -4.56
N LEU A 593 13.88 17.43 -4.01
CA LEU A 593 12.77 18.20 -4.57
C LEU A 593 13.07 18.56 -6.03
N LYS A 594 14.32 18.99 -6.29
CA LYS A 594 14.81 19.38 -7.61
C LYS A 594 14.83 18.19 -8.59
N HIS A 595 15.15 16.99 -8.07
CA HIS A 595 15.13 15.75 -8.83
C HIS A 595 13.72 15.25 -9.08
N LEU A 596 12.82 15.43 -8.10
CA LEU A 596 11.39 15.11 -8.23
C LEU A 596 10.76 16.03 -9.27
N ASN A 597 11.13 17.33 -9.26
CA ASN A 597 10.67 18.29 -10.26
C ASN A 597 11.04 17.91 -11.70
N ARG A 598 12.22 17.28 -11.93
CA ARG A 598 12.66 16.80 -13.24
C ARG A 598 11.71 15.67 -13.70
N GLN A 599 11.38 14.74 -12.76
CA GLN A 599 10.47 13.61 -12.95
C GLN A 599 9.04 14.08 -13.26
N VAL A 600 8.53 15.05 -12.50
CA VAL A 600 7.20 15.63 -12.64
C VAL A 600 7.10 16.29 -14.03
N GLU A 601 8.10 17.07 -14.43
CA GLU A 601 8.09 17.77 -15.73
C GLU A 601 8.13 16.79 -16.87
N ALA A 602 8.94 15.72 -16.76
CA ALA A 602 9.02 14.71 -17.77
C ALA A 602 7.67 14.03 -17.97
N MET A 603 6.98 13.70 -16.88
CA MET A 603 5.67 13.02 -16.91
C MET A 603 4.59 13.93 -17.50
N GLU A 604 4.58 15.22 -17.10
CA GLU A 604 3.70 16.25 -17.61
C GLU A 604 3.82 16.33 -19.14
N LYS A 605 5.06 16.31 -19.69
CA LYS A 605 5.27 16.34 -21.13
C LYS A 605 4.72 15.10 -21.81
N LEU A 606 4.89 13.92 -21.19
CA LEU A 606 4.38 12.65 -21.71
C LEU A 606 2.86 12.60 -21.68
N ILE A 607 2.23 13.18 -20.64
CA ILE A 607 0.78 13.29 -20.50
C ILE A 607 0.23 14.21 -21.62
N ASN A 608 0.85 15.39 -21.82
CA ASN A 608 0.47 16.35 -22.84
C ASN A 608 0.56 15.72 -24.24
N LEU A 609 1.69 15.03 -24.54
CA LEU A 609 1.95 14.35 -25.81
C LEU A 609 0.92 13.29 -26.15
N THR A 610 0.69 12.33 -25.21
CA THR A 610 -0.30 11.26 -25.35
C THR A 610 -1.72 11.81 -25.39
N ASP A 611 -1.98 12.98 -24.74
CA ASP A 611 -3.31 13.61 -24.78
C ASP A 611 -3.50 14.17 -26.20
N ILE A 612 -2.42 14.67 -26.84
CA ILE A 612 -2.52 15.14 -28.23
C ILE A 612 -2.75 13.95 -29.18
N LEU A 613 -2.00 12.84 -29.05
CA LEU A 613 -2.16 11.64 -29.90
C LEU A 613 -3.55 11.00 -29.77
N LYS A 614 -4.19 11.07 -28.58
CA LYS A 614 -5.48 10.43 -28.34
C LYS A 614 -6.65 11.27 -28.78
N GLN A 615 -6.51 12.60 -28.77
CA GLN A 615 -7.59 13.53 -29.07
C GLN A 615 -7.46 14.28 -30.40
N GLU A 616 -6.31 14.18 -31.09
CA GLU A 616 -6.06 14.93 -32.32
C GLU A 616 -5.30 14.12 -33.39
N LYS A 617 -5.05 12.81 -33.15
CA LYS A 617 -4.29 11.95 -34.05
C LYS A 617 -4.76 10.50 -33.98
N LYS A 618 -5.83 10.24 -33.19
CA LYS A 618 -6.43 8.93 -32.92
C LYS A 618 -6.72 8.06 -34.16
N ASP A 619 -7.16 8.68 -35.27
CA ASP A 619 -7.52 7.94 -36.48
C ASP A 619 -6.38 7.74 -37.48
N GLU A 620 -5.28 8.52 -37.36
CA GLU A 620 -4.13 8.42 -38.24
C GLU A 620 -3.41 7.07 -38.13
N THR A 621 -2.54 6.75 -39.10
CA THR A 621 -1.76 5.51 -39.11
C THR A 621 -0.68 5.58 -38.04
N GLN A 622 -0.09 4.44 -37.70
CA GLN A 622 0.98 4.45 -36.71
C GLN A 622 2.17 5.28 -37.21
N LYS A 623 2.46 5.22 -38.53
CA LYS A 623 3.50 5.94 -39.25
C LYS A 623 3.33 7.47 -39.09
N VAL A 624 2.10 7.99 -39.29
CA VAL A 624 1.73 9.42 -39.15
C VAL A 624 1.81 9.83 -37.68
N GLN A 625 1.36 8.96 -36.74
CA GLN A 625 1.44 9.25 -35.30
C GLN A 625 2.91 9.28 -34.83
N MET A 626 3.75 8.34 -35.34
CA MET A 626 5.18 8.27 -35.03
C MET A 626 5.95 9.49 -35.52
N LYS A 627 5.62 9.97 -36.75
CA LYS A 627 6.23 11.17 -37.34
C LYS A 627 5.91 12.38 -36.44
N PHE A 628 4.61 12.56 -36.10
CA PHE A 628 4.15 13.64 -35.21
C PHE A 628 4.87 13.61 -33.85
N LEU A 629 4.99 12.40 -33.26
CA LEU A 629 5.64 12.17 -31.97
C LEU A 629 7.12 12.51 -31.93
N VAL A 630 7.87 12.04 -32.93
CA VAL A 630 9.31 12.26 -33.04
C VAL A 630 9.61 13.76 -33.35
N GLU A 631 8.71 14.43 -34.07
CA GLU A 631 8.84 15.86 -34.36
C GLU A 631 8.52 16.67 -33.09
N GLN A 632 7.54 16.23 -32.31
CA GLN A 632 7.17 16.94 -31.09
C GLN A 632 8.21 16.75 -29.97
N MET A 633 8.75 15.53 -29.80
CA MET A 633 9.79 15.22 -28.81
C MET A 633 11.16 15.87 -29.12
N ARG A 634 11.37 16.35 -30.36
CA ARG A 634 12.60 16.99 -30.84
C ARG A 634 12.63 18.46 -30.52
N ARG A 635 11.43 19.06 -30.36
CA ARG A 635 11.18 20.46 -30.04
C ARG A 635 11.91 20.89 -28.76
N PRO A 636 12.36 22.18 -28.63
CA PRO A 636 13.03 22.60 -27.39
C PRO A 636 12.12 22.61 -26.16
N ASP A 637 10.80 22.76 -26.38
CA ASP A 637 9.79 22.75 -25.32
C ASP A 637 9.46 21.28 -24.86
N PHE A 638 10.33 20.30 -25.23
CA PHE A 638 10.15 18.89 -24.90
C PHE A 638 11.46 18.14 -24.73
N MET A 639 12.41 18.32 -25.66
CA MET A 639 13.67 17.58 -25.72
C MET A 639 14.39 17.48 -24.36
N ASP A 640 14.66 18.61 -23.71
CA ASP A 640 15.34 18.63 -22.41
C ASP A 640 14.53 18.05 -21.24
N ALA A 641 13.23 18.35 -21.17
CA ALA A 641 12.34 17.84 -20.15
C ALA A 641 12.23 16.30 -20.17
N LEU A 642 12.53 15.64 -21.34
CA LEU A 642 12.37 14.19 -21.48
C LEU A 642 13.64 13.36 -21.35
N GLN A 643 14.75 13.97 -20.97
CA GLN A 643 15.98 13.21 -20.78
C GLN A 643 16.72 13.74 -19.57
N GLY A 644 17.71 12.99 -19.06
CA GLY A 644 18.50 13.39 -17.90
C GLY A 644 17.73 13.48 -16.60
N PHE A 645 17.01 12.41 -16.23
CA PHE A 645 16.24 12.38 -14.97
C PHE A 645 16.22 10.97 -14.39
N LEU A 646 15.70 10.80 -13.17
CA LEU A 646 15.65 9.48 -12.53
C LEU A 646 14.33 8.81 -12.85
N SER A 647 14.35 7.51 -13.02
CA SER A 647 13.13 6.77 -13.32
C SER A 647 12.14 6.81 -12.14
N PRO A 648 10.85 7.23 -12.32
CA PRO A 648 9.91 7.20 -11.18
C PRO A 648 9.63 5.77 -10.72
N LEU A 649 9.79 4.77 -11.62
CA LEU A 649 9.61 3.35 -11.27
C LEU A 649 10.65 2.85 -10.28
N ASN A 650 11.87 3.38 -10.39
CA ASN A 650 13.04 3.01 -9.57
C ASN A 650 14.09 4.11 -9.70
N PRO A 651 14.16 5.06 -8.74
CA PRO A 651 15.11 6.19 -8.87
C PRO A 651 16.62 5.83 -8.84
N ALA A 652 16.95 4.53 -8.70
CA ALA A 652 18.32 4.02 -8.77
C ALA A 652 18.74 3.99 -10.25
N HIS A 653 17.74 4.04 -11.17
CA HIS A 653 17.93 4.07 -12.62
C HIS A 653 17.94 5.46 -13.16
N GLN A 654 19.05 5.83 -13.77
CA GLN A 654 19.22 7.12 -14.44
C GLN A 654 18.80 6.95 -15.88
N LEU A 655 17.99 7.91 -16.33
CA LEU A 655 17.48 7.97 -17.69
C LEU A 655 18.26 9.09 -18.37
N GLY A 656 19.19 8.70 -19.24
CA GLY A 656 20.07 9.63 -19.93
C GLY A 656 19.40 10.19 -21.16
N ASN A 657 20.11 10.20 -22.31
CA ASN A 657 19.54 10.72 -23.55
C ASN A 657 18.48 9.79 -24.07
N LEU A 658 17.37 10.38 -24.51
CA LEU A 658 16.25 9.63 -25.06
C LEU A 658 16.67 9.12 -26.44
N ARG A 659 16.43 7.83 -26.71
CA ARG A 659 16.79 7.23 -27.99
C ARG A 659 15.53 7.13 -28.82
N LEU A 660 15.20 8.22 -29.55
CA LEU A 660 14.01 8.37 -30.39
C LEU A 660 13.74 7.20 -31.35
N GLU A 661 14.79 6.73 -32.04
CA GLU A 661 14.75 5.61 -32.99
C GLU A 661 14.31 4.29 -32.32
N GLU A 662 14.49 4.18 -30.99
CA GLU A 662 14.12 2.97 -30.24
C GLU A 662 12.74 3.08 -29.57
N CYS A 663 12.18 4.30 -29.54
CA CYS A 663 10.87 4.58 -28.96
C CYS A 663 9.75 4.13 -29.91
N ARG A 664 8.65 3.59 -29.35
CA ARG A 664 7.52 3.10 -30.16
C ARG A 664 6.19 3.46 -29.55
N ILE A 665 5.16 3.53 -30.41
CA ILE A 665 3.76 3.62 -30.01
C ILE A 665 3.32 2.17 -30.12
N MET A 666 3.00 1.55 -28.99
CA MET A 666 2.56 0.17 -28.92
C MET A 666 1.13 0.04 -29.48
N SER A 667 0.86 -1.09 -30.17
CA SER A 667 -0.41 -1.46 -30.82
C SER A 667 -1.66 -1.33 -29.95
N SER A 668 -1.51 -1.47 -28.62
CA SER A 668 -2.58 -1.38 -27.63
C SER A 668 -3.51 -0.16 -27.80
N ALA A 669 -4.75 -0.30 -27.32
CA ALA A 669 -5.84 0.69 -27.42
C ALA A 669 -5.50 2.09 -26.93
N LYS A 670 -4.85 2.20 -25.74
CA LYS A 670 -4.56 3.49 -25.13
C LYS A 670 -3.31 4.19 -25.67
N ARG A 671 -2.77 3.67 -26.81
CA ARG A 671 -1.58 4.15 -27.51
C ARG A 671 -0.37 4.29 -26.53
N PRO A 672 0.06 3.19 -25.86
CA PRO A 672 1.15 3.31 -24.87
C PRO A 672 2.52 3.51 -25.52
N LEU A 673 3.34 4.33 -24.85
CA LEU A 673 4.67 4.63 -25.32
C LEU A 673 5.70 3.67 -24.74
N TRP A 674 6.45 3.03 -25.61
CA TRP A 674 7.56 2.17 -25.30
C TRP A 674 8.74 3.12 -25.46
N LEU A 675 9.28 3.62 -24.34
CA LEU A 675 10.38 4.60 -24.34
C LEU A 675 11.70 3.96 -23.96
N ASN A 676 12.77 4.47 -24.59
CA ASN A 676 14.13 3.97 -24.41
C ASN A 676 15.10 5.11 -24.20
N TRP A 677 15.93 5.03 -23.15
CA TRP A 677 16.96 6.05 -22.87
C TRP A 677 18.25 5.31 -22.64
N GLU A 678 19.36 5.98 -22.87
CA GLU A 678 20.67 5.41 -22.55
C GLU A 678 20.82 5.48 -21.04
N ASN A 679 21.47 4.48 -20.47
CA ASN A 679 21.78 4.46 -19.05
C ASN A 679 23.16 5.15 -19.01
N PRO A 680 23.27 6.37 -18.43
CA PRO A 680 24.57 7.06 -18.44
C PRO A 680 25.60 6.51 -17.42
N ASP A 681 25.29 5.40 -16.73
CA ASP A 681 26.24 4.82 -15.76
C ASP A 681 27.58 4.44 -16.45
N ILE A 682 28.72 4.64 -15.75
CA ILE A 682 30.06 4.30 -16.28
C ILE A 682 30.12 2.83 -16.68
N MET A 683 29.45 1.96 -15.91
CA MET A 683 29.41 0.51 -16.11
C MET A 683 28.04 -0.01 -16.57
N SER A 684 27.30 0.79 -17.39
CA SER A 684 25.99 0.43 -17.94
C SER A 684 25.97 -0.95 -18.59
N GLU A 685 27.03 -1.29 -19.33
CA GLU A 685 27.24 -2.57 -20.02
C GLU A 685 27.11 -3.82 -19.09
N LEU A 686 27.24 -3.65 -17.76
CA LEU A 686 27.14 -4.76 -16.80
C LEU A 686 25.69 -5.00 -16.31
N LEU A 687 24.80 -4.00 -16.44
CA LEU A 687 23.40 -4.14 -16.05
C LEU A 687 22.57 -4.10 -17.35
N PHE A 688 22.36 -2.91 -17.91
CA PHE A 688 21.70 -2.66 -19.20
C PHE A 688 22.12 -1.32 -19.73
N GLN A 689 22.62 -1.29 -20.99
CA GLN A 689 23.08 -0.07 -21.65
C GLN A 689 21.94 0.92 -21.93
N ASN A 690 20.71 0.40 -22.08
CA ASN A 690 19.51 1.21 -22.32
C ASN A 690 18.41 0.86 -21.37
N ASN A 691 17.94 1.87 -20.61
CA ASN A 691 16.84 1.75 -19.68
C ASN A 691 15.55 1.99 -20.47
N GLU A 692 14.66 1.01 -20.49
CA GLU A 692 13.37 1.09 -21.18
C GLU A 692 12.20 1.09 -20.23
N ILE A 693 11.17 1.91 -20.50
CA ILE A 693 9.94 1.97 -19.70
C ILE A 693 8.74 2.10 -20.64
N ILE A 694 7.58 1.62 -20.16
CA ILE A 694 6.30 1.78 -20.85
C ILE A 694 5.53 2.89 -20.09
N PHE A 695 5.08 3.92 -20.82
CA PHE A 695 4.23 5.01 -20.33
C PHE A 695 2.84 4.77 -20.94
N LYS A 696 1.83 4.72 -20.08
CA LYS A 696 0.47 4.48 -20.49
C LYS A 696 -0.43 5.50 -19.88
N ASN A 697 -1.17 6.21 -20.73
CA ASN A 697 -2.15 7.21 -20.36
C ASN A 697 -3.55 6.71 -20.77
N GLY A 698 -4.39 6.36 -19.81
CA GLY A 698 -5.74 5.92 -20.14
C GLY A 698 -6.40 4.91 -19.23
N ASP A 699 -5.59 3.96 -18.68
CA ASP A 699 -6.07 2.91 -17.78
C ASP A 699 -5.76 3.21 -16.33
N ASP A 700 -6.67 2.80 -15.46
CA ASP A 700 -6.50 2.91 -14.02
C ASP A 700 -5.55 1.79 -13.65
N LEU A 701 -4.37 2.13 -13.15
CA LEU A 701 -3.33 1.17 -12.83
C LEU A 701 -3.30 0.72 -11.36
N ARG A 702 -4.24 1.19 -10.55
CA ARG A 702 -4.27 0.92 -9.11
C ARG A 702 -4.53 -0.54 -8.73
N GLN A 703 -5.43 -1.27 -9.45
CA GLN A 703 -5.68 -2.70 -9.14
C GLN A 703 -4.47 -3.57 -9.49
N ASP A 704 -3.80 -3.23 -10.59
CA ASP A 704 -2.59 -3.87 -11.06
C ASP A 704 -1.46 -3.73 -10.06
N MET A 705 -1.28 -2.53 -9.45
CA MET A 705 -0.23 -2.29 -8.43
C MET A 705 -0.53 -3.20 -7.22
N LEU A 706 -1.81 -3.27 -6.80
CA LEU A 706 -2.18 -4.08 -5.65
C LEU A 706 -1.91 -5.58 -5.89
N THR A 707 -2.32 -6.10 -7.05
CA THR A 707 -2.13 -7.51 -7.45
C THR A 707 -0.64 -7.85 -7.54
N LEU A 708 0.16 -6.97 -8.19
CA LEU A 708 1.61 -7.09 -8.36
C LEU A 708 2.34 -7.11 -7.04
N GLN A 709 1.89 -6.28 -6.08
CA GLN A 709 2.36 -6.21 -4.69
C GLN A 709 2.04 -7.55 -3.98
N ILE A 710 0.79 -8.05 -4.11
CA ILE A 710 0.37 -9.33 -3.55
C ILE A 710 1.16 -10.54 -4.19
N ILE A 711 1.47 -10.50 -5.49
CA ILE A 711 2.26 -11.57 -6.14
C ILE A 711 3.66 -11.67 -5.52
N ARG A 712 4.30 -10.50 -5.30
CA ARG A 712 5.61 -10.37 -4.69
C ARG A 712 5.58 -10.93 -3.25
N ILE A 713 4.50 -10.63 -2.46
CA ILE A 713 4.36 -11.10 -1.09
C ILE A 713 4.19 -12.62 -1.04
N MET A 714 3.42 -13.21 -1.98
CA MET A 714 3.16 -14.66 -2.14
C MET A 714 4.45 -15.39 -2.45
N GLU A 715 5.18 -14.94 -3.49
CA GLU A 715 6.47 -15.46 -3.91
C GLU A 715 7.44 -15.43 -2.71
N ASN A 716 7.51 -14.30 -1.97
CA ASN A 716 8.36 -14.17 -0.79
C ASN A 716 8.00 -15.23 0.27
N ILE A 717 6.69 -15.41 0.58
CA ILE A 717 6.22 -16.44 1.51
C ILE A 717 6.68 -17.84 1.07
N TRP A 718 6.51 -18.17 -0.22
CA TRP A 718 6.93 -19.44 -0.82
C TRP A 718 8.44 -19.65 -0.76
N GLN A 719 9.20 -18.58 -0.99
CA GLN A 719 10.66 -18.57 -0.98
C GLN A 719 11.22 -18.87 0.42
N ASN A 720 10.66 -18.25 1.48
CA ASN A 720 11.08 -18.52 2.86
C ASN A 720 10.65 -19.93 3.31
N GLN A 721 9.52 -20.43 2.81
CA GLN A 721 8.92 -21.75 3.08
C GLN A 721 9.74 -22.90 2.47
N GLY A 722 10.70 -22.57 1.59
CA GLY A 722 11.55 -23.53 0.91
C GLY A 722 11.18 -23.87 -0.53
N LEU A 723 9.92 -23.55 -0.99
CA LEU A 723 9.50 -23.90 -2.35
C LEU A 723 9.68 -22.72 -3.34
N ASP A 724 10.62 -22.93 -4.24
CA ASP A 724 11.06 -21.96 -5.22
C ASP A 724 10.16 -21.91 -6.47
N LEU A 725 9.11 -21.10 -6.42
CA LEU A 725 8.24 -20.87 -7.56
C LEU A 725 8.50 -19.40 -7.93
N ARG A 726 9.28 -19.16 -8.99
CA ARG A 726 9.66 -17.82 -9.41
C ARG A 726 8.50 -17.07 -10.04
N MET A 727 8.23 -15.87 -9.52
CA MET A 727 7.16 -15.02 -10.02
C MET A 727 7.75 -13.81 -10.72
N LEU A 728 6.92 -13.05 -11.44
CA LEU A 728 7.40 -11.85 -12.11
C LEU A 728 6.51 -10.66 -11.77
N PRO A 729 6.68 -10.09 -10.56
CA PRO A 729 5.90 -8.89 -10.22
C PRO A 729 6.62 -7.66 -10.78
N TYR A 730 6.43 -7.42 -12.08
CA TYR A 730 7.05 -6.27 -12.75
C TYR A 730 6.57 -4.94 -12.11
N GLY A 731 7.42 -3.91 -12.24
CA GLY A 731 7.14 -2.59 -11.73
C GLY A 731 5.94 -1.99 -12.43
N CYS A 732 5.15 -1.28 -11.67
CA CYS A 732 3.96 -0.59 -12.13
C CYS A 732 3.67 0.52 -11.13
N LEU A 733 3.67 1.77 -11.62
CA LEU A 733 3.43 2.90 -10.74
C LEU A 733 2.42 3.86 -11.37
N SER A 734 1.32 4.06 -10.67
CA SER A 734 0.29 5.04 -11.05
C SER A 734 0.88 6.38 -10.61
N ILE A 735 0.99 7.35 -11.55
CA ILE A 735 1.55 8.69 -11.29
C ILE A 735 0.48 9.81 -11.27
N GLY A 736 -0.74 9.46 -11.63
CA GLY A 736 -1.87 10.39 -11.69
C GLY A 736 -3.14 9.68 -12.06
N ASP A 737 -4.19 10.42 -12.47
CA ASP A 737 -5.50 9.90 -12.86
C ASP A 737 -5.43 9.05 -14.15
N CYS A 738 -5.46 7.72 -13.99
CA CYS A 738 -5.37 6.73 -15.07
C CYS A 738 -4.11 6.89 -15.92
N VAL A 739 -3.01 7.17 -15.26
CA VAL A 739 -1.73 7.37 -15.94
C VAL A 739 -0.62 6.80 -15.08
N GLY A 740 0.30 6.11 -15.74
CA GLY A 740 1.44 5.52 -15.05
C GLY A 740 2.49 4.85 -15.88
N LEU A 741 3.40 4.17 -15.17
CA LEU A 741 4.55 3.50 -15.77
C LEU A 741 4.52 2.00 -15.53
N ILE A 742 5.02 1.25 -16.49
CA ILE A 742 5.13 -0.20 -16.45
C ILE A 742 6.55 -0.58 -16.81
N GLU A 743 7.11 -1.45 -16.01
CA GLU A 743 8.44 -1.91 -16.24
C GLU A 743 8.47 -2.85 -17.45
N VAL A 744 9.43 -2.58 -18.34
CA VAL A 744 9.72 -3.40 -19.51
C VAL A 744 10.37 -4.73 -19.03
N VAL A 745 9.86 -5.86 -19.53
CA VAL A 745 10.40 -7.19 -19.27
C VAL A 745 11.10 -7.61 -20.59
N ARG A 746 12.44 -7.73 -20.54
CA ARG A 746 13.27 -8.08 -21.71
C ARG A 746 13.15 -9.56 -22.01
N ASN A 747 13.28 -9.93 -23.30
CA ASN A 747 13.26 -11.30 -23.83
C ASN A 747 12.01 -12.04 -23.42
N SER A 748 10.83 -11.41 -23.62
CA SER A 748 9.55 -12.04 -23.28
C SER A 748 8.64 -12.05 -24.48
N HIS A 749 7.78 -13.07 -24.56
CA HIS A 749 6.85 -13.22 -25.68
C HIS A 749 5.50 -13.76 -25.19
N THR A 750 4.40 -13.27 -25.77
CA THR A 750 3.06 -13.78 -25.45
C THR A 750 2.93 -15.22 -25.96
N ILE A 751 1.98 -16.02 -25.42
CA ILE A 751 1.76 -17.40 -25.86
C ILE A 751 1.36 -17.40 -27.34
N MET A 752 0.63 -16.36 -27.77
CA MET A 752 0.15 -16.09 -29.11
C MET A 752 1.33 -15.97 -30.08
N GLN A 753 2.29 -15.06 -29.82
CA GLN A 753 3.50 -14.82 -30.63
C GLN A 753 4.20 -16.15 -30.94
N ILE A 754 4.35 -17.02 -29.92
CA ILE A 754 4.96 -18.36 -29.99
C ILE A 754 4.18 -19.27 -30.96
N GLN A 755 2.88 -19.56 -30.64
CA GLN A 755 1.95 -20.43 -31.40
C GLN A 755 1.76 -20.07 -32.88
N CYS A 756 2.02 -18.79 -33.24
CA CYS A 756 1.87 -18.24 -34.59
C CYS A 756 3.10 -18.50 -35.47
N LYS A 757 4.29 -17.98 -35.07
CA LYS A 757 5.54 -18.16 -35.82
C LYS A 757 6.04 -19.60 -35.65
N PHE A 766 -3.18 -24.16 -34.71
CA PHE A 766 -1.93 -24.91 -34.83
C PHE A 766 -1.87 -26.11 -33.83
N ASN A 767 -0.64 -26.67 -33.60
CA ASN A 767 -0.40 -27.82 -32.73
C ASN A 767 -0.08 -27.43 -31.28
N SER A 768 -0.49 -28.29 -30.32
CA SER A 768 -0.24 -28.06 -28.89
C SER A 768 1.23 -28.33 -28.45
N HIS A 769 2.07 -28.84 -29.36
CA HIS A 769 3.48 -29.10 -29.07
C HIS A 769 4.36 -27.89 -29.44
N THR A 770 3.78 -26.89 -30.15
CA THR A 770 4.44 -25.65 -30.63
C THR A 770 5.23 -24.94 -29.50
N LEU A 771 4.57 -24.66 -28.35
CA LEU A 771 5.18 -24.00 -27.18
C LEU A 771 6.36 -24.79 -26.64
N HIS A 772 6.17 -26.12 -26.41
CA HIS A 772 7.23 -27.01 -25.93
C HIS A 772 8.45 -27.02 -26.87
N GLN A 773 8.22 -27.05 -28.20
CA GLN A 773 9.24 -27.03 -29.25
C GLN A 773 9.97 -25.71 -29.27
N TRP A 774 9.24 -24.60 -29.05
CA TRP A 774 9.83 -23.25 -28.98
C TRP A 774 10.81 -23.16 -27.80
N LEU A 775 10.40 -23.69 -26.63
CA LEU A 775 11.24 -23.69 -25.45
C LEU A 775 12.43 -24.66 -25.59
N LYS A 776 12.15 -25.87 -26.12
CA LYS A 776 13.12 -26.95 -26.43
C LYS A 776 14.22 -26.36 -27.30
N ASP A 777 13.83 -25.60 -28.36
CA ASP A 777 14.76 -24.94 -29.29
C ASP A 777 15.55 -23.80 -28.63
N LYS A 778 14.89 -22.95 -27.80
CA LYS A 778 15.54 -21.83 -27.10
C LYS A 778 16.53 -22.28 -26.02
N ASN A 779 16.30 -23.48 -25.48
CA ASN A 779 17.13 -24.09 -24.46
C ASN A 779 17.63 -25.49 -24.92
N LYS A 780 18.58 -25.49 -25.87
CA LYS A 780 19.15 -26.72 -26.42
C LYS A 780 20.31 -27.23 -25.58
N GLY A 781 20.38 -28.55 -25.40
CA GLY A 781 21.42 -29.22 -24.63
C GLY A 781 21.05 -29.51 -23.20
N GLU A 782 22.03 -29.34 -22.29
CA GLU A 782 21.87 -29.57 -20.84
C GLU A 782 20.91 -28.57 -20.18
N ILE A 783 20.82 -27.32 -20.73
CA ILE A 783 19.98 -26.24 -20.22
C ILE A 783 18.46 -26.49 -20.43
N TYR A 784 18.07 -27.51 -21.24
CA TYR A 784 16.67 -27.86 -21.53
C TYR A 784 15.84 -28.12 -20.25
N ASP A 785 16.39 -28.93 -19.34
CA ASP A 785 15.76 -29.32 -18.07
C ASP A 785 15.59 -28.17 -17.11
N ALA A 786 16.58 -27.25 -17.03
CA ALA A 786 16.48 -26.06 -16.19
C ALA A 786 15.30 -25.16 -16.66
N ALA A 787 15.06 -25.08 -17.99
CA ALA A 787 13.95 -24.32 -18.59
C ALA A 787 12.60 -24.97 -18.36
N ILE A 788 12.55 -26.31 -18.34
CA ILE A 788 11.29 -27.02 -18.09
C ILE A 788 10.96 -26.87 -16.61
N ASP A 789 11.98 -26.95 -15.73
CA ASP A 789 11.84 -26.79 -14.28
C ASP A 789 11.38 -25.37 -13.93
N LEU A 790 11.88 -24.35 -14.64
CA LEU A 790 11.50 -22.95 -14.44
C LEU A 790 10.08 -22.69 -14.94
N PHE A 791 9.70 -23.31 -16.09
CA PHE A 791 8.35 -23.19 -16.64
C PHE A 791 7.31 -23.74 -15.69
N THR A 792 7.48 -25.02 -15.22
CA THR A 792 6.53 -25.70 -14.33
C THR A 792 6.45 -24.97 -12.96
N ARG A 793 7.60 -24.47 -12.44
CA ARG A 793 7.64 -23.73 -11.17
C ARG A 793 6.87 -22.41 -11.19
N SER A 794 7.15 -21.55 -12.19
CA SER A 794 6.48 -20.28 -12.43
C SER A 794 5.01 -20.51 -12.77
N CYS A 795 4.73 -21.57 -13.55
CA CYS A 795 3.38 -21.99 -13.92
C CYS A 795 2.56 -22.33 -12.66
N ALA A 796 3.16 -23.08 -11.70
CA ALA A 796 2.52 -23.47 -10.44
C ALA A 796 2.17 -22.26 -9.59
N GLY A 797 3.10 -21.29 -9.51
CA GLY A 797 2.93 -20.04 -8.78
C GLY A 797 1.75 -19.25 -9.28
N TYR A 798 1.67 -19.07 -10.62
CA TYR A 798 0.59 -18.34 -11.28
C TYR A 798 -0.75 -19.08 -11.20
N CYS A 799 -0.79 -20.43 -11.28
CA CYS A 799 -2.04 -21.18 -11.13
C CYS A 799 -2.69 -20.86 -9.79
N VAL A 800 -1.88 -21.01 -8.73
CA VAL A 800 -2.28 -20.79 -7.34
C VAL A 800 -2.64 -19.32 -7.07
N ALA A 801 -1.73 -18.35 -7.41
CA ALA A 801 -1.95 -16.91 -7.22
C ALA A 801 -3.22 -16.46 -7.90
N THR A 802 -3.41 -16.80 -9.17
CA THR A 802 -4.57 -16.35 -9.93
C THR A 802 -5.86 -16.98 -9.45
N PHE A 803 -5.83 -18.28 -9.02
CA PHE A 803 -7.01 -18.93 -8.47
C PHE A 803 -7.39 -18.25 -7.16
N ILE A 804 -6.42 -18.09 -6.23
CA ILE A 804 -6.68 -17.39 -4.96
C ILE A 804 -7.30 -15.98 -5.18
N LEU A 805 -6.70 -15.16 -6.05
CA LEU A 805 -7.09 -13.76 -6.24
C LEU A 805 -8.23 -13.47 -7.18
N GLY A 806 -8.65 -14.47 -7.97
CA GLY A 806 -9.75 -14.32 -8.92
C GLY A 806 -9.50 -13.28 -9.98
N ILE A 807 -8.30 -13.30 -10.54
CA ILE A 807 -7.80 -12.40 -11.59
C ILE A 807 -8.60 -12.58 -12.90
N GLY A 808 -8.62 -11.54 -13.74
CA GLY A 808 -9.31 -11.57 -15.04
C GLY A 808 -8.86 -12.76 -15.87
N ASP A 809 -9.81 -13.37 -16.62
CA ASP A 809 -9.60 -14.54 -17.47
C ASP A 809 -8.36 -14.48 -18.33
N ARG A 810 -7.54 -15.54 -18.25
CA ARG A 810 -6.30 -15.71 -18.99
C ARG A 810 -6.49 -16.22 -20.40
N HIS A 811 -5.67 -15.67 -21.32
CA HIS A 811 -5.58 -16.03 -22.74
C HIS A 811 -4.14 -15.90 -23.25
N ASN A 812 -3.91 -16.30 -24.51
CA ASN A 812 -2.60 -16.34 -25.15
C ASN A 812 -1.90 -14.99 -25.32
N SER A 813 -2.61 -13.86 -25.14
CA SER A 813 -1.98 -12.54 -25.22
C SER A 813 -1.94 -11.86 -23.83
N ASN A 814 -2.36 -12.62 -22.79
CA ASN A 814 -2.41 -12.29 -21.35
C ASN A 814 -1.29 -13.02 -20.60
N ILE A 815 -0.73 -14.05 -21.23
CA ILE A 815 0.32 -14.87 -20.64
C ILE A 815 1.58 -14.67 -21.45
N MET A 816 2.71 -14.46 -20.77
CA MET A 816 3.99 -14.30 -21.45
C MET A 816 5.01 -15.31 -20.93
N VAL A 817 6.00 -15.66 -21.78
CA VAL A 817 7.08 -16.60 -21.49
C VAL A 817 8.41 -15.95 -21.83
N LYS A 818 9.41 -16.11 -20.96
CA LYS A 818 10.75 -15.63 -21.24
C LYS A 818 11.51 -16.73 -22.05
N ASP A 819 12.61 -16.34 -22.73
CA ASP A 819 13.47 -17.26 -23.50
C ASP A 819 13.95 -18.44 -22.67
N ASP A 820 14.20 -18.21 -21.35
CA ASP A 820 14.66 -19.22 -20.39
C ASP A 820 13.56 -20.11 -19.79
N GLY A 821 12.31 -19.90 -20.18
CA GLY A 821 11.20 -20.71 -19.69
C GLY A 821 10.33 -20.12 -18.60
N GLN A 822 10.68 -18.92 -18.07
CA GLN A 822 9.90 -18.28 -17.03
C GLN A 822 8.57 -17.77 -17.57
N LEU A 823 7.47 -18.35 -17.09
CA LEU A 823 6.09 -17.99 -17.48
C LEU A 823 5.58 -16.95 -16.50
N PHE A 824 4.81 -15.96 -17.00
CA PHE A 824 4.21 -14.92 -16.16
C PHE A 824 2.95 -14.31 -16.77
N HIS A 825 2.18 -13.60 -15.96
CA HIS A 825 0.94 -12.97 -16.39
C HIS A 825 1.01 -11.46 -16.37
N ILE A 826 0.29 -10.84 -17.30
CA ILE A 826 0.20 -9.41 -17.45
C ILE A 826 -1.28 -9.02 -17.36
N ASP A 827 -1.58 -7.74 -17.14
CA ASP A 827 -2.92 -7.17 -17.03
C ASP A 827 -3.75 -7.79 -15.89
N PHE A 828 -3.63 -7.12 -14.74
CA PHE A 828 -4.24 -7.45 -13.46
C PHE A 828 -5.35 -6.47 -13.01
N GLY A 829 -5.91 -5.74 -13.97
CA GLY A 829 -6.99 -4.76 -13.78
C GLY A 829 -8.29 -5.31 -13.22
N HIS A 830 -8.44 -6.67 -13.17
CA HIS A 830 -9.61 -7.36 -12.62
C HIS A 830 -9.21 -8.38 -11.56
N PHE A 831 -9.90 -8.38 -10.42
CA PHE A 831 -9.65 -9.30 -9.31
C PHE A 831 -10.89 -9.54 -8.46
N LEU A 832 -10.79 -10.50 -7.53
CA LEU A 832 -11.84 -10.90 -6.58
C LEU A 832 -13.14 -11.36 -7.30
N ASP A 833 -14.30 -11.15 -6.67
CA ASP A 833 -15.62 -11.55 -7.15
C ASP A 833 -16.14 -10.67 -8.31
N HIS A 834 -15.25 -10.24 -9.23
CA HIS A 834 -15.62 -9.33 -10.32
C HIS A 834 -16.66 -9.90 -11.34
N LYS A 835 -16.99 -11.23 -11.24
CA LYS A 835 -17.99 -11.88 -12.11
C LYS A 835 -19.34 -12.14 -11.37
N LYS A 836 -19.42 -11.73 -10.06
CA LYS A 836 -20.56 -11.80 -9.12
C LYS A 836 -21.70 -12.77 -9.55
N ARG A 843 -19.35 -21.19 -7.91
CA ARG A 843 -19.39 -19.73 -8.00
C ARG A 843 -17.98 -19.08 -8.00
N GLU A 844 -16.90 -19.85 -7.71
CA GLU A 844 -15.50 -19.34 -7.79
C GLU A 844 -14.90 -19.83 -9.10
N ARG A 845 -14.17 -18.94 -9.77
CA ARG A 845 -13.55 -19.22 -11.05
C ARG A 845 -12.12 -19.78 -10.96
N VAL A 846 -11.62 -20.26 -12.12
CA VAL A 846 -10.25 -20.70 -12.34
C VAL A 846 -9.77 -19.87 -13.57
N PRO A 847 -9.24 -18.63 -13.36
CA PRO A 847 -8.82 -17.81 -14.51
C PRO A 847 -7.67 -18.39 -15.33
N PHE A 848 -6.78 -19.19 -14.70
CA PHE A 848 -5.65 -19.81 -15.39
C PHE A 848 -5.86 -21.32 -15.57
N VAL A 849 -6.37 -21.68 -16.75
CA VAL A 849 -6.65 -23.05 -17.17
C VAL A 849 -5.45 -23.57 -17.99
N LEU A 850 -4.82 -24.60 -17.45
CA LEU A 850 -3.67 -25.26 -18.07
C LEU A 850 -4.12 -26.06 -19.28
N THR A 851 -3.94 -25.49 -20.48
CA THR A 851 -4.28 -26.16 -21.73
C THR A 851 -3.24 -27.26 -22.02
N GLN A 852 -3.39 -27.96 -23.17
CA GLN A 852 -2.49 -29.03 -23.58
C GLN A 852 -1.07 -28.53 -23.82
N ASP A 853 -0.94 -27.29 -24.32
CA ASP A 853 0.34 -26.64 -24.58
C ASP A 853 1.18 -26.56 -23.30
N PHE A 854 0.57 -26.11 -22.19
CA PHE A 854 1.22 -25.95 -20.90
C PHE A 854 1.59 -27.29 -20.28
N LEU A 855 0.66 -28.27 -20.34
CA LEU A 855 0.89 -29.62 -19.79
C LEU A 855 1.94 -30.41 -20.58
N ILE A 856 1.99 -30.19 -21.92
CA ILE A 856 2.94 -30.85 -22.84
C ILE A 856 4.38 -30.40 -22.46
N VAL A 857 4.57 -29.11 -22.10
CA VAL A 857 5.86 -28.55 -21.64
C VAL A 857 6.25 -29.23 -20.32
N ILE A 858 5.34 -29.19 -19.30
CA ILE A 858 5.57 -29.78 -17.97
C ILE A 858 6.02 -31.26 -18.07
N SER A 859 5.26 -32.07 -18.85
CA SER A 859 5.50 -33.51 -19.06
C SER A 859 6.57 -33.83 -20.11
N LYS A 860 7.43 -32.84 -20.46
CA LYS A 860 8.56 -32.92 -21.40
C LYS A 860 8.18 -33.55 -22.76
N GLY A 861 7.07 -33.09 -23.33
CA GLY A 861 6.58 -33.51 -24.64
C GLY A 861 5.75 -34.79 -24.71
N ALA A 862 5.39 -35.38 -23.55
CA ALA A 862 4.59 -36.61 -23.46
C ALA A 862 3.16 -36.41 -23.95
N GLN A 863 2.57 -37.44 -24.56
CA GLN A 863 1.20 -37.44 -25.10
C GLN A 863 0.17 -37.42 -23.97
N GLU A 864 0.28 -38.34 -22.99
CA GLU A 864 -0.62 -38.42 -21.84
C GLU A 864 -0.03 -37.61 -20.68
N CYS A 865 0.02 -36.28 -20.83
CA CYS A 865 0.58 -35.32 -19.87
C CYS A 865 -0.18 -35.27 -18.53
N THR A 866 -1.48 -35.62 -18.55
CA THR A 866 -2.35 -35.66 -17.35
C THR A 866 -2.00 -36.87 -16.45
N LYS A 867 -1.26 -37.87 -17.01
CA LYS A 867 -0.85 -39.08 -16.29
C LYS A 867 0.68 -39.33 -16.41
N THR A 868 1.49 -38.41 -15.83
CA THR A 868 2.96 -38.48 -15.81
C THR A 868 3.51 -38.19 -14.40
N ARG A 869 4.80 -38.46 -14.18
CA ARG A 869 5.47 -38.20 -12.91
C ARG A 869 5.68 -36.69 -12.77
N GLU A 870 5.99 -36.01 -13.89
CA GLU A 870 6.21 -34.56 -13.99
C GLU A 870 4.99 -33.77 -13.56
N PHE A 871 3.78 -34.23 -13.93
CA PHE A 871 2.51 -33.59 -13.57
C PHE A 871 2.15 -33.78 -12.08
N GLU A 872 2.46 -34.95 -11.51
CA GLU A 872 2.24 -35.26 -10.09
C GLU A 872 3.13 -34.37 -9.20
N ARG A 873 4.37 -34.09 -9.68
CA ARG A 873 5.37 -33.21 -9.08
C ARG A 873 4.89 -31.74 -9.15
N PHE A 874 4.26 -31.37 -10.30
CA PHE A 874 3.68 -30.03 -10.54
C PHE A 874 2.52 -29.77 -9.58
N GLN A 875 1.59 -30.76 -9.45
CA GLN A 875 0.42 -30.69 -8.58
C GLN A 875 0.81 -30.47 -7.14
N GLU A 876 1.88 -31.18 -6.69
CA GLU A 876 2.43 -31.08 -5.34
C GLU A 876 2.94 -29.65 -5.06
N MET A 877 3.53 -28.99 -6.08
CA MET A 877 3.99 -27.60 -6.00
C MET A 877 2.80 -26.67 -5.78
N CYS A 878 1.66 -26.99 -6.43
CA CYS A 878 0.41 -26.24 -6.35
C CYS A 878 -0.28 -26.37 -5.01
N TYR A 879 -0.30 -27.59 -4.45
CA TYR A 879 -0.93 -27.82 -3.15
C TYR A 879 -0.10 -27.19 -2.04
N LYS A 880 1.23 -27.33 -2.10
CA LYS A 880 2.14 -26.74 -1.13
C LYS A 880 2.04 -25.22 -1.14
N ALA A 881 1.95 -24.63 -2.37
CA ALA A 881 1.82 -23.20 -2.63
C ALA A 881 0.49 -22.67 -2.08
N TYR A 882 -0.60 -23.40 -2.33
CA TYR A 882 -1.95 -23.06 -1.87
C TYR A 882 -2.08 -23.08 -0.33
N LEU A 883 -1.54 -24.12 0.33
CA LEU A 883 -1.58 -24.27 1.77
C LEU A 883 -0.70 -23.24 2.49
N ALA A 884 0.41 -22.81 1.87
CA ALA A 884 1.31 -21.79 2.41
C ALA A 884 0.59 -20.43 2.48
N ILE A 885 -0.20 -20.09 1.45
CA ILE A 885 -0.95 -18.83 1.40
C ILE A 885 -2.09 -18.85 2.41
N ARG A 886 -2.75 -20.03 2.51
CA ARG A 886 -3.84 -20.32 3.45
C ARG A 886 -3.39 -20.00 4.87
N GLN A 887 -2.14 -20.37 5.23
CA GLN A 887 -1.52 -20.09 6.52
C GLN A 887 -1.29 -18.58 6.79
N HIS A 888 -1.17 -17.75 5.72
CA HIS A 888 -0.94 -16.30 5.81
C HIS A 888 -2.15 -15.45 5.41
N ALA A 889 -3.35 -16.06 5.42
CA ALA A 889 -4.62 -15.45 5.02
C ALA A 889 -4.96 -14.11 5.66
N ASN A 890 -4.67 -13.95 6.96
CA ASN A 890 -4.96 -12.72 7.72
C ASN A 890 -4.22 -11.53 7.13
N LEU A 891 -2.94 -11.74 6.72
CA LEU A 891 -2.12 -10.74 6.08
C LEU A 891 -2.79 -10.26 4.80
N PHE A 892 -3.15 -11.20 3.90
CA PHE A 892 -3.78 -10.86 2.61
C PHE A 892 -5.13 -10.20 2.81
N ILE A 893 -5.93 -10.72 3.76
CA ILE A 893 -7.22 -10.13 4.11
C ILE A 893 -7.05 -8.71 4.57
N ASN A 894 -6.02 -8.46 5.38
CA ASN A 894 -5.75 -7.13 5.92
C ASN A 894 -5.23 -6.16 4.87
N LEU A 895 -4.41 -6.66 3.92
CA LEU A 895 -3.85 -5.82 2.85
C LEU A 895 -4.96 -5.29 2.00
N PHE A 896 -5.96 -6.14 1.72
CA PHE A 896 -7.17 -5.83 0.97
C PHE A 896 -8.09 -4.88 1.75
N SER A 897 -8.33 -5.14 3.06
CA SER A 897 -9.18 -4.30 3.94
C SER A 897 -8.67 -2.88 4.06
N MET A 898 -7.32 -2.70 4.16
CA MET A 898 -6.69 -1.37 4.21
C MET A 898 -6.91 -0.54 2.92
N MET A 899 -7.16 -1.21 1.77
CA MET A 899 -7.42 -0.56 0.48
C MET A 899 -8.94 -0.31 0.18
N LEU A 900 -9.84 -0.53 1.17
CA LEU A 900 -11.28 -0.33 0.96
C LEU A 900 -11.72 1.10 0.71
N GLY A 901 -10.98 2.04 1.29
CA GLY A 901 -11.27 3.45 1.17
C GLY A 901 -10.81 4.01 -0.15
N SER A 902 -9.83 3.33 -0.81
CA SER A 902 -9.32 3.69 -2.13
C SER A 902 -10.52 3.47 -3.06
N GLY A 903 -10.69 4.27 -4.09
CA GLY A 903 -11.87 4.10 -4.93
C GLY A 903 -11.78 2.99 -5.96
N MET A 904 -11.22 1.81 -5.60
CA MET A 904 -11.10 0.72 -6.56
C MET A 904 -12.44 0.05 -6.85
N PRO A 905 -12.85 0.01 -8.14
CA PRO A 905 -14.20 -0.48 -8.51
C PRO A 905 -14.53 -1.91 -8.07
N GLU A 906 -13.54 -2.81 -7.96
CA GLU A 906 -13.80 -4.20 -7.57
C GLU A 906 -13.50 -4.48 -6.09
N LEU A 907 -13.19 -3.42 -5.33
CA LEU A 907 -12.90 -3.50 -3.89
C LEU A 907 -13.69 -2.37 -3.19
N GLN A 908 -14.98 -2.59 -3.02
CA GLN A 908 -15.84 -1.57 -2.44
C GLN A 908 -16.29 -1.87 -1.01
N SER A 909 -16.42 -3.16 -0.66
CA SER A 909 -16.84 -3.58 0.67
C SER A 909 -16.24 -4.91 1.08
N PHE A 910 -16.47 -5.31 2.36
CA PHE A 910 -15.95 -6.55 2.92
C PHE A 910 -16.47 -7.78 2.21
N ASP A 911 -17.57 -7.66 1.43
CA ASP A 911 -18.09 -8.81 0.68
C ASP A 911 -17.26 -9.15 -0.55
N ASP A 912 -16.50 -8.14 -1.06
CA ASP A 912 -15.58 -8.32 -2.19
C ASP A 912 -14.36 -9.08 -1.71
N ILE A 913 -13.87 -8.76 -0.47
CA ILE A 913 -12.72 -9.43 0.17
C ILE A 913 -13.12 -10.86 0.55
N ALA A 914 -14.42 -11.10 0.90
CA ALA A 914 -14.99 -12.42 1.25
C ALA A 914 -14.67 -13.51 0.20
N TYR A 915 -14.38 -13.09 -1.04
CA TYR A 915 -13.98 -13.97 -2.12
C TYR A 915 -12.69 -14.76 -1.80
N ILE A 916 -11.69 -14.14 -1.12
CA ILE A 916 -10.47 -14.91 -0.81
C ILE A 916 -10.71 -15.86 0.38
N ARG A 917 -11.74 -15.59 1.20
CA ARG A 917 -12.17 -16.48 2.29
C ARG A 917 -12.75 -17.77 1.66
N LYS A 918 -13.40 -17.64 0.46
CA LYS A 918 -13.93 -18.77 -0.30
C LYS A 918 -12.79 -19.52 -0.96
N THR A 919 -11.96 -18.83 -1.78
CA THR A 919 -10.86 -19.49 -2.51
C THR A 919 -9.84 -20.13 -1.58
N LEU A 920 -9.65 -19.57 -0.37
CA LEU A 920 -8.73 -20.14 0.61
C LEU A 920 -9.41 -21.14 1.60
N ALA A 921 -10.72 -21.43 1.38
CA ALA A 921 -11.56 -22.34 2.20
C ALA A 921 -11.23 -22.20 3.72
N LEU A 922 -11.40 -20.97 4.22
CA LEU A 922 -11.03 -20.59 5.59
C LEU A 922 -11.95 -21.18 6.68
N ASP A 923 -13.28 -21.25 6.44
CA ASP A 923 -14.22 -21.87 7.39
C ASP A 923 -13.99 -23.40 7.52
N LYS A 924 -13.31 -24.01 6.52
CA LYS A 924 -12.97 -25.44 6.42
C LYS A 924 -11.70 -25.79 7.18
N THR A 925 -11.33 -27.08 7.12
CA THR A 925 -10.13 -27.66 7.71
C THR A 925 -9.08 -27.63 6.60
N GLU A 926 -7.80 -27.76 6.95
CA GLU A 926 -6.69 -27.76 6.00
C GLU A 926 -6.84 -28.85 4.90
N GLN A 927 -7.23 -30.09 5.28
CA GLN A 927 -7.41 -31.20 4.33
C GLN A 927 -8.67 -31.04 3.46
N GLU A 928 -9.75 -30.42 4.03
CA GLU A 928 -10.98 -30.19 3.26
C GLU A 928 -10.72 -29.04 2.27
N ALA A 929 -9.80 -28.11 2.63
CA ALA A 929 -9.40 -26.97 1.81
C ALA A 929 -8.59 -27.46 0.60
N LEU A 930 -7.72 -28.46 0.81
CA LEU A 930 -6.91 -29.09 -0.23
C LEU A 930 -7.83 -29.84 -1.18
N GLU A 931 -8.86 -30.53 -0.64
CA GLU A 931 -9.86 -31.25 -1.43
C GLU A 931 -10.69 -30.27 -2.25
N TYR A 932 -11.02 -29.08 -1.68
CA TYR A 932 -11.77 -28.00 -2.35
C TYR A 932 -11.00 -27.46 -3.54
N PHE A 933 -9.70 -27.15 -3.34
CA PHE A 933 -8.83 -26.63 -4.39
C PHE A 933 -8.73 -27.61 -5.54
N MET A 934 -8.57 -28.91 -5.21
CA MET A 934 -8.48 -30.02 -6.15
C MET A 934 -9.74 -30.13 -7.02
N LYS A 935 -10.94 -29.99 -6.41
CA LYS A 935 -12.23 -30.04 -7.13
C LYS A 935 -12.32 -28.88 -8.12
N GLN A 936 -11.93 -27.66 -7.69
CA GLN A 936 -11.90 -26.45 -8.51
C GLN A 936 -11.00 -26.67 -9.73
N MET A 937 -9.81 -27.28 -9.51
CA MET A 937 -8.88 -27.63 -10.57
C MET A 937 -9.47 -28.71 -11.50
N ASN A 938 -10.09 -29.77 -10.92
CA ASN A 938 -10.71 -30.88 -11.66
C ASN A 938 -11.84 -30.42 -12.56
N ASP A 939 -12.80 -29.63 -12.01
CA ASP A 939 -13.94 -29.11 -12.76
C ASP A 939 -13.56 -28.27 -13.99
N ALA A 940 -12.65 -27.28 -13.82
CA ALA A 940 -12.19 -26.34 -14.85
C ALA A 940 -11.44 -27.00 -16.00
N HIS A 941 -10.56 -27.95 -15.67
CA HIS A 941 -9.73 -28.67 -16.62
C HIS A 941 -10.46 -29.86 -17.26
N HIS A 942 -11.69 -30.18 -16.76
CA HIS A 942 -12.55 -31.29 -17.23
C HIS A 942 -11.82 -32.66 -17.11
N GLY A 943 -10.60 -32.64 -16.57
CA GLY A 943 -9.75 -33.79 -16.32
C GLY A 943 -9.38 -33.81 -14.85
N GLY A 944 -8.13 -34.16 -14.55
CA GLY A 944 -7.64 -34.23 -13.18
C GLY A 944 -6.18 -34.58 -13.05
C5 85S B . 5.09 -5.82 -21.52
C6 85S B . 6.17 -5.63 -20.59
N1 85S B . 7.43 -5.79 -21.03
C7 85S B . 4.34 -6.31 -23.63
C8 85S B . 3.24 -6.06 -22.81
C9 85S B . 3.71 -5.76 -21.49
C11 85S B . 2.84 -5.43 -20.35
C12 85S B . 4.36 -6.68 -25.07
N3 85S B . 6.75 -6.32 -23.27
C15 85S B . 1.87 -5.36 -18.37
N4 85S B . 5.47 -6.16 -22.81
C2 85S B . 7.63 -6.12 -22.33
N10 85S B . 5.96 -5.30 -19.32
N13 85S B . 1.83 -4.50 -20.31
N14 85S B . 1.22 -4.45 -19.09
C16 85S B . 2.88 -6.00 -19.08
C17 85S B . 1.42 -3.65 -21.44
C18 85S B . 1.57 -2.17 -21.06
C19 85S B . 1.02 -1.28 -22.15
O20 85S B . -0.33 -1.62 -22.48
C21 85S B . -0.42 -2.99 -22.95
C22 85S B . 0.00 -3.97 -21.88
C23 85S B . 3.50 -7.66 -25.58
C24 85S B . 3.54 -7.98 -26.93
C25 85S B . 4.41 -7.34 -27.78
C26 85S B . 5.28 -6.35 -27.30
C27 85S B . 5.26 -6.03 -25.93
N28 85S B . 6.18 -5.70 -28.16
C29 85S B . 7.56 -6.18 -28.13
C30 85S B . 8.32 -5.67 -29.35
N31 85S B . 8.26 -4.20 -29.40
C32 85S B . 6.87 -3.73 -29.45
C33 85S B . 6.09 -4.24 -28.25
C34 85S B . 9.35 -3.37 -29.39
C35 85S B . 10.72 -3.98 -29.33
O36 85S B . 9.20 -2.15 -29.44
#